data_5SY2
#
_entry.id   5SY2
#
_cell.length_a   137.540
_cell.length_b   137.540
_cell.length_c   137.540
_cell.angle_alpha   90.000
_cell.angle_beta   90.000
_cell.angle_gamma   90.000
#
_symmetry.space_group_name_H-M   'P 21 3'
#
loop_
_entity.id
_entity.type
_entity.pdbx_description
1 polymer Renin
2 non-polymer 2-acetamido-2-deoxy-beta-D-glucopyranose
3 non-polymer N-ethyl-4-{[(furan-2-yl)methyl]amino}-2-methyl-N-[(3S)-piperidin-3-yl]pyrimidine-5-carboxamide
4 non-polymer 'TRIETHYLENE GLYCOL'
5 non-polymer 'DIMETHYL SULFOXIDE'
6 non-polymer 'PENTAETHYLENE GLYCOL'
7 water water
#
_entity_poly.entity_id   1
_entity_poly.type   'polypeptide(L)'
_entity_poly.pdbx_seq_one_letter_code
;LTLGNTTSSVILTNYMDTQYYGEIGIGTPPQTFKVVFDTGSSNVWVPSSKCSRLYTACVYHKLFDASDSSSYKHNGTELT
LRYSTGTVSGFLSQDIITVGGITVTQMFGEVTEMPALPFMLAEFDGVVGMGFIEQAIGRVTPIFDNIISQGVLKEDVFSF
YYNRDSENSQSLGGQIVLGGSDPQHYEGNFHYINLIKTGVWQIQMKGVSVGSSTLLCEDGCLALVDTGASYISGSTSSIE
KLMEALGAKKRLFDYVVKCNEGPTLPDISFHLGGKEYTLTSADYVFQESYSSKKLCTLAIHAMDIPPPTGPTWALGATFI
RKFYTEFDRRNNRIGFALAR
;
_entity_poly.pdbx_strand_id   A,B
#
loop_
_chem_comp.id
_chem_comp.type
_chem_comp.name
_chem_comp.formula
1PE non-polymer 'PENTAETHYLENE GLYCOL' 'C10 H22 O6'
74V non-polymer N-ethyl-4-{[(furan-2-yl)methyl]amino}-2-methyl-N-[(3S)-piperidin-3-yl]pyrimidine-5-carboxamide 'C18 H25 N5 O2'
DMS non-polymer 'DIMETHYL SULFOXIDE' 'C2 H6 O S'
NAG D-saccharide, beta linking 2-acetamido-2-deoxy-beta-D-glucopyranose 'C8 H15 N O6'
PGE non-polymer 'TRIETHYLENE GLYCOL' 'C6 H14 O4'
#
# COMPACT_ATOMS: atom_id res chain seq x y z
N THR A 2 31.21 -6.06 -18.70
CA THR A 2 31.26 -7.56 -18.59
C THR A 2 30.16 -8.07 -17.63
N LEU A 3 29.22 -8.86 -18.17
CA LEU A 3 28.02 -9.33 -17.44
C LEU A 3 28.03 -10.84 -17.21
N GLY A 4 27.62 -11.26 -16.01
CA GLY A 4 27.61 -12.68 -15.61
C GLY A 4 26.21 -13.30 -15.60
N ASN A 5 25.99 -14.22 -14.65
CA ASN A 5 24.75 -14.99 -14.57
C ASN A 5 24.05 -14.89 -13.19
N THR A 6 24.50 -13.96 -12.33
CA THR A 6 24.07 -13.92 -10.93
C THR A 6 23.10 -12.75 -10.64
N THR A 7 22.04 -13.08 -9.90
CA THR A 7 21.16 -12.10 -9.26
C THR A 7 21.31 -12.34 -7.76
N SER A 8 21.25 -11.28 -6.98
CA SER A 8 21.33 -11.37 -5.54
C SER A 8 20.33 -10.40 -4.91
N SER A 9 19.89 -10.70 -3.69
CA SER A 9 18.98 -9.80 -2.99
C SER A 9 19.46 -9.46 -1.58
N VAL A 10 19.02 -8.31 -1.10
CA VAL A 10 19.23 -7.90 0.27
C VAL A 10 17.84 -7.67 0.86
N ILE A 11 17.55 -8.38 1.95
CA ILE A 11 16.30 -8.24 2.68
C ILE A 11 16.37 -6.95 3.52
N LEU A 12 15.33 -6.13 3.46
CA LEU A 12 15.30 -4.89 4.22
C LEU A 12 14.31 -4.93 5.37
N THR A 13 14.63 -4.15 6.40
CA THR A 13 13.75 -3.89 7.53
C THR A 13 13.09 -2.51 7.32
N ASN A 14 11.79 -2.46 7.60
CA ASN A 14 11.02 -1.23 7.58
C ASN A 14 10.75 -0.76 8.99
N TYR A 15 11.45 0.28 9.40
CA TYR A 15 11.17 0.98 10.64
C TYR A 15 10.19 2.14 10.37
N MET A 16 8.96 1.96 10.83
CA MET A 16 7.88 2.97 10.89
C MET A 16 7.55 3.71 9.58
N ASP A 17 7.77 3.05 8.45
CA ASP A 17 7.61 3.66 7.12
C ASP A 17 8.58 4.81 6.83
N THR A 18 9.57 5.07 7.69
CA THR A 18 10.50 6.20 7.48
C THR A 18 11.94 5.76 7.21
N GLN A 19 12.33 4.57 7.65
CA GLN A 19 13.68 4.08 7.50
C GLN A 19 13.66 2.64 7.01
N TYR A 20 14.28 2.41 5.86
CA TYR A 20 14.48 1.10 5.26
C TYR A 20 15.98 0.83 5.22
N TYR A 21 16.38 -0.32 5.74
CA TYR A 21 17.79 -0.64 5.84
C TYR A 21 17.99 -2.15 5.83
N GLY A 22 19.18 -2.58 5.40
CA GLY A 22 19.56 -3.99 5.38
C GLY A 22 20.87 -4.18 6.11
N GLU A 23 21.36 -5.42 6.11
CA GLU A 23 22.62 -5.76 6.77
C GLU A 23 23.76 -5.93 5.77
N ILE A 24 24.92 -5.36 6.10
CA ILE A 24 26.18 -5.68 5.42
C ILE A 24 27.21 -6.16 6.45
N GLY A 25 28.21 -6.90 5.97
CA GLY A 25 29.31 -7.37 6.81
C GLY A 25 30.59 -6.68 6.36
N ILE A 26 31.38 -6.13 7.29
CA ILE A 26 32.65 -5.49 6.96
C ILE A 26 33.78 -6.15 7.76
N GLY A 27 34.89 -6.44 7.09
CA GLY A 27 36.07 -6.96 7.78
C GLY A 27 36.11 -8.47 7.92
N THR A 28 37.20 -8.93 8.53
CA THR A 28 37.44 -10.34 8.79
C THR A 28 37.80 -10.49 10.26
N PRO A 29 36.95 -11.14 11.08
CA PRO A 29 35.64 -11.67 10.68
C PRO A 29 34.62 -10.56 10.42
N PRO A 30 33.47 -10.89 9.77
CA PRO A 30 32.51 -9.83 9.42
C PRO A 30 31.93 -9.10 10.63
N GLN A 31 31.96 -7.79 10.60
CA GLN A 31 31.27 -6.95 11.57
C GLN A 31 29.99 -6.48 10.89
N THR A 32 28.83 -6.75 11.50
CA THR A 32 27.56 -6.51 10.82
C THR A 32 27.03 -5.11 11.12
N PHE A 33 26.49 -4.46 10.09
CA PHE A 33 25.93 -3.12 10.20
C PHE A 33 24.59 -3.04 9.51
N LYS A 34 23.71 -2.23 10.10
CA LYS A 34 22.47 -1.85 9.47
C LYS A 34 22.72 -0.61 8.63
N VAL A 35 22.40 -0.68 7.33
CA VAL A 35 22.72 0.40 6.41
C VAL A 35 21.55 0.73 5.50
N VAL A 36 21.34 2.02 5.27
CA VAL A 36 20.41 2.50 4.25
C VAL A 36 21.10 2.39 2.90
N PHE A 37 20.42 1.81 1.93
CA PHE A 37 20.89 1.81 0.54
C PHE A 37 20.31 3.02 -0.18
N ASP A 38 21.19 3.95 -0.52
CA ASP A 38 20.82 5.34 -0.77
C ASP A 38 21.21 5.79 -2.18
N THR A 39 20.25 5.87 -3.10
CA THR A 39 20.52 6.40 -4.46
C THR A 39 20.82 7.90 -4.50
N GLY A 40 20.55 8.64 -3.42
CA GLY A 40 20.88 10.06 -3.33
C GLY A 40 22.30 10.42 -2.93
N SER A 41 23.15 9.44 -2.65
CA SER A 41 24.55 9.65 -2.35
C SER A 41 25.38 8.47 -2.88
N SER A 42 26.69 8.68 -2.94
CA SER A 42 27.58 7.77 -3.62
C SER A 42 28.67 7.12 -2.74
N ASN A 43 28.69 7.44 -1.45
CA ASN A 43 29.75 6.95 -0.55
C ASN A 43 29.21 5.88 0.39
N VAL A 44 30.06 4.94 0.74
CA VAL A 44 29.76 4.01 1.85
C VAL A 44 30.38 4.59 3.11
N TRP A 45 29.65 4.51 4.22
CA TRP A 45 30.20 4.85 5.52
C TRP A 45 29.49 4.10 6.65
N VAL A 46 30.24 3.87 7.72
CA VAL A 46 29.70 3.37 8.98
C VAL A 46 30.37 4.13 10.13
N PRO A 47 29.73 4.16 11.31
CA PRO A 47 30.39 4.77 12.47
C PRO A 47 31.63 3.99 12.88
N SER A 48 32.61 4.70 13.40
CA SER A 48 33.94 4.16 13.68
C SER A 48 34.17 3.96 15.18
N SER A 49 34.94 2.94 15.52
CA SER A 49 35.43 2.76 16.90
C SER A 49 36.27 3.95 17.36
N LYS A 50 36.79 4.74 16.42
CA LYS A 50 37.53 5.97 16.74
C LYS A 50 36.66 7.23 16.96
N CYS A 51 35.34 7.05 16.89
CA CYS A 51 34.40 8.11 17.20
C CYS A 51 34.37 8.36 18.72
N SER A 52 34.74 9.57 19.14
CA SER A 52 34.60 9.95 20.55
C SER A 52 33.23 9.58 21.07
N ARG A 53 33.21 8.94 22.23
CA ARG A 53 31.96 8.53 22.85
C ARG A 53 31.17 9.73 23.41
N LEU A 54 31.75 10.93 23.35
CA LEU A 54 31.00 12.17 23.56
C LEU A 54 29.96 12.42 22.48
N TYR A 55 30.16 11.86 21.29
CA TYR A 55 29.06 11.75 20.32
C TYR A 55 28.17 10.61 20.77
N THR A 56 27.02 10.94 21.36
CA THR A 56 26.13 9.93 21.91
C THR A 56 25.60 8.96 20.84
N ALA A 57 25.46 9.43 19.59
CA ALA A 57 25.14 8.56 18.47
C ALA A 57 26.15 7.41 18.27
N CYS A 58 27.41 7.66 18.61
CA CYS A 58 28.44 6.62 18.59
C CYS A 58 28.36 5.66 19.78
N VAL A 59 27.72 6.07 20.86
CA VAL A 59 27.41 5.16 21.97
C VAL A 59 26.28 4.17 21.62
N TYR A 60 25.31 4.62 20.81
CA TYR A 60 24.10 3.83 20.51
C TYR A 60 24.11 3.08 19.16
N HIS A 61 25.23 3.07 18.45
CA HIS A 61 25.27 2.36 17.18
C HIS A 61 26.45 1.42 17.17
N LYS A 62 26.38 0.47 16.25
CA LYS A 62 27.46 -0.45 16.00
C LYS A 62 28.64 0.34 15.42
N LEU A 63 29.82 0.12 15.97
CA LEU A 63 31.03 0.82 15.55
C LEU A 63 31.96 -0.14 14.81
N PHE A 64 32.42 0.26 13.64
CA PHE A 64 33.45 -0.49 12.94
C PHE A 64 34.80 -0.31 13.63
N ASP A 65 35.44 -1.43 13.93
CA ASP A 65 36.72 -1.46 14.60
C ASP A 65 37.72 -2.10 13.64
N ALA A 66 38.50 -1.26 12.96
CA ALA A 66 39.56 -1.73 12.06
C ALA A 66 40.57 -2.64 12.78
N SER A 67 40.80 -2.36 14.08
CA SER A 67 41.66 -3.18 14.91
C SER A 67 41.13 -4.59 15.22
N ASP A 68 39.88 -4.90 14.87
CA ASP A 68 39.37 -6.26 14.92
C ASP A 68 39.31 -6.99 13.57
N SER A 69 39.74 -6.32 12.48
CA SER A 69 39.68 -6.89 11.13
C SER A 69 41.07 -7.15 10.56
N SER A 70 41.33 -8.41 10.21
CA SER A 70 42.61 -8.82 9.63
C SER A 70 42.76 -8.50 8.14
N SER A 71 41.67 -8.05 7.50
CA SER A 71 41.68 -7.67 6.07
C SER A 71 41.63 -6.15 5.86
N TYR A 72 41.63 -5.38 6.95
CA TYR A 72 41.67 -3.92 6.87
C TYR A 72 42.94 -3.42 6.20
N LYS A 73 42.78 -2.39 5.36
CA LYS A 73 43.89 -1.64 4.81
C LYS A 73 43.72 -0.13 5.06
N HIS A 74 44.69 0.43 5.78
CA HIS A 74 44.69 1.85 6.10
C HIS A 74 44.72 2.73 4.85
N ASN A 75 44.02 3.85 4.94
CA ASN A 75 44.19 4.96 4.01
C ASN A 75 44.34 6.25 4.81
N GLY A 76 43.29 6.63 5.53
CA GLY A 76 43.33 7.76 6.45
C GLY A 76 43.00 9.13 5.86
N THR A 77 42.69 9.21 4.57
CA THR A 77 42.26 10.50 3.99
C THR A 77 40.95 10.97 4.64
N GLU A 78 40.93 12.22 5.10
CA GLU A 78 39.75 12.78 5.74
C GLU A 78 38.62 12.93 4.72
N LEU A 79 37.39 12.73 5.17
CA LEU A 79 36.20 13.02 4.34
C LEU A 79 35.08 13.57 5.19
N THR A 80 34.35 14.51 4.61
CA THR A 80 33.16 15.08 5.19
C THR A 80 32.03 14.83 4.18
N LEU A 81 30.92 14.27 4.65
CA LEU A 81 29.73 14.03 3.83
C LEU A 81 28.62 14.96 4.29
N ARG A 82 28.29 15.93 3.43
CA ARG A 82 27.28 16.96 3.73
C ARG A 82 25.97 16.58 3.07
N TYR A 83 25.09 15.98 3.86
CA TYR A 83 23.72 15.72 3.43
C TYR A 83 22.81 16.91 3.75
N SER A 84 21.64 16.91 3.14
CA SER A 84 20.61 17.93 3.42
C SER A 84 20.03 17.81 4.84
N THR A 85 20.14 16.63 5.44
CA THR A 85 19.62 16.35 6.78
C THR A 85 20.66 16.39 7.90
N GLY A 86 21.92 16.63 7.56
CA GLY A 86 23.00 16.54 8.55
C GLY A 86 24.31 16.13 7.93
N THR A 87 25.36 16.21 8.73
CA THR A 87 26.71 16.05 8.24
C THR A 87 27.40 14.98 9.06
N VAL A 88 28.20 14.15 8.38
CA VAL A 88 29.14 13.25 9.05
C VAL A 88 30.55 13.47 8.53
N SER A 89 31.53 13.22 9.40
CA SER A 89 32.92 13.37 9.02
C SER A 89 33.75 12.27 9.68
N GLY A 90 34.87 11.97 9.03
CA GLY A 90 35.71 10.86 9.44
C GLY A 90 36.86 10.69 8.48
N PHE A 91 37.22 9.44 8.19
CA PHE A 91 38.35 9.16 7.30
C PHE A 91 38.14 7.90 6.50
N LEU A 92 38.93 7.75 5.42
CA LEU A 92 38.78 6.62 4.51
C LEU A 92 39.55 5.37 4.97
N SER A 93 38.91 4.23 4.79
CA SER A 93 39.51 2.93 5.04
C SER A 93 39.09 1.97 3.94
N GLN A 94 39.83 0.88 3.81
CA GLN A 94 39.48 -0.17 2.88
C GLN A 94 39.36 -1.51 3.61
N ASP A 95 38.33 -2.26 3.27
CA ASP A 95 38.16 -3.60 3.79
C ASP A 95 37.19 -4.39 2.91
N ILE A 96 37.03 -5.66 3.25
CA ILE A 96 36.13 -6.55 2.54
C ILE A 96 34.71 -6.28 3.02
N ILE A 97 33.79 -6.05 2.08
CA ILE A 97 32.39 -5.86 2.42
C ILE A 97 31.57 -6.95 1.75
N THR A 98 30.68 -7.56 2.53
CA THR A 98 29.75 -8.56 2.04
C THR A 98 28.36 -7.93 2.03
N VAL A 99 27.71 -8.02 0.88
CA VAL A 99 26.34 -7.53 0.71
C VAL A 99 25.60 -8.51 -0.18
N GLY A 100 24.57 -9.14 0.39
CA GLY A 100 23.80 -10.16 -0.31
C GLY A 100 24.63 -11.35 -0.79
N GLY A 101 25.55 -11.81 0.04
CA GLY A 101 26.44 -12.91 -0.38
C GLY A 101 27.41 -12.60 -1.51
N ILE A 102 27.57 -11.32 -1.88
CA ILE A 102 28.60 -10.87 -2.80
C ILE A 102 29.64 -10.15 -1.95
N THR A 103 30.90 -10.47 -2.21
CA THR A 103 32.02 -9.95 -1.46
C THR A 103 32.84 -9.03 -2.37
N VAL A 104 33.14 -7.82 -1.88
CA VAL A 104 33.96 -6.84 -2.62
C VAL A 104 34.97 -6.19 -1.69
N THR A 105 36.13 -5.86 -2.22
CA THR A 105 37.06 -4.94 -1.56
C THR A 105 36.55 -3.52 -1.83
N GLN A 106 36.29 -2.78 -0.74
CA GLN A 106 35.58 -1.51 -0.82
C GLN A 106 36.27 -0.46 0.01
N MET A 107 36.41 0.73 -0.57
CA MET A 107 36.86 1.93 0.15
C MET A 107 35.62 2.59 0.77
N PHE A 108 35.65 2.85 2.07
CA PHE A 108 34.50 3.44 2.78
C PHE A 108 34.95 4.37 3.89
N GLY A 109 34.00 5.16 4.40
CA GLY A 109 34.24 6.10 5.46
C GLY A 109 34.05 5.49 6.83
N GLU A 110 35.05 5.69 7.68
CA GLU A 110 34.95 5.44 9.11
C GLU A 110 34.59 6.78 9.73
N VAL A 111 33.38 6.90 10.28
CA VAL A 111 32.87 8.17 10.76
C VAL A 111 33.20 8.37 12.23
N THR A 112 33.88 9.48 12.52
CA THR A 112 34.33 9.84 13.85
C THR A 112 33.57 11.05 14.41
N GLU A 113 32.77 11.71 13.58
CA GLU A 113 31.96 12.83 14.05
C GLU A 113 30.54 12.63 13.51
N MET A 114 29.61 12.38 14.43
CA MET A 114 28.28 11.87 14.11
C MET A 114 27.25 12.55 15.02
N PRO A 115 26.73 13.72 14.59
CA PRO A 115 25.84 14.54 15.40
C PRO A 115 24.62 13.79 15.92
N ALA A 116 24.23 14.11 17.16
CA ALA A 116 23.07 13.50 17.81
C ALA A 116 21.80 13.69 17.00
N LEU A 117 21.61 14.88 16.44
CA LEU A 117 20.55 15.10 15.46
C LEU A 117 21.17 15.15 14.07
N PRO A 118 20.81 14.26 13.16
CA PRO A 118 19.67 13.34 13.29
C PRO A 118 19.99 11.90 13.73
N PHE A 119 21.27 11.57 13.97
CA PHE A 119 21.68 10.16 14.05
C PHE A 119 21.24 9.40 15.31
N MET A 120 20.92 10.10 16.39
CA MET A 120 20.23 9.46 17.50
C MET A 120 18.81 9.01 17.17
N LEU A 121 18.22 9.56 16.10
CA LEU A 121 16.92 9.09 15.60
C LEU A 121 17.01 7.97 14.54
N ALA A 122 18.21 7.55 14.17
CA ALA A 122 18.40 6.52 13.14
C ALA A 122 18.46 5.12 13.75
N GLU A 123 17.68 4.21 13.18
CA GLU A 123 17.77 2.78 13.50
C GLU A 123 19.00 2.18 12.83
N PHE A 124 19.29 2.70 11.64
CA PHE A 124 20.43 2.27 10.88
C PHE A 124 21.73 2.83 11.47
N ASP A 125 22.84 2.13 11.21
CA ASP A 125 24.16 2.55 11.65
C ASP A 125 24.82 3.48 10.63
N GLY A 126 24.75 3.10 9.36
CA GLY A 126 25.39 3.82 8.27
C GLY A 126 24.64 3.78 6.95
N VAL A 127 25.35 4.12 5.87
CA VAL A 127 24.77 4.31 4.56
C VAL A 127 25.61 3.59 3.52
N VAL A 128 24.96 2.95 2.55
CA VAL A 128 25.61 2.47 1.34
C VAL A 128 25.13 3.34 0.18
N GLY A 129 26.01 4.22 -0.29
CA GLY A 129 25.69 5.08 -1.42
C GLY A 129 25.52 4.27 -2.70
N MET A 130 24.37 4.40 -3.34
CA MET A 130 24.07 3.71 -4.59
C MET A 130 24.15 4.63 -5.80
N GLY A 131 24.63 5.86 -5.60
CA GLY A 131 24.81 6.82 -6.67
C GLY A 131 26.10 6.58 -7.44
N PHE A 132 26.44 7.57 -8.28
CA PHE A 132 27.53 7.43 -9.24
C PHE A 132 28.85 7.97 -8.70
N ILE A 133 29.93 7.49 -9.28
CA ILE A 133 31.29 7.91 -8.90
C ILE A 133 31.49 9.42 -9.04
N GLU A 134 30.79 10.05 -9.99
CA GLU A 134 30.90 11.49 -10.18
C GLU A 134 30.47 12.34 -8.98
N GLN A 135 29.59 11.79 -8.14
CA GLN A 135 29.15 12.46 -6.90
C GLN A 135 29.76 11.89 -5.61
N ALA A 136 30.71 10.97 -5.73
CA ALA A 136 31.39 10.40 -4.58
C ALA A 136 32.42 11.40 -4.06
N ILE A 137 32.32 11.71 -2.77
CA ILE A 137 33.30 12.56 -2.11
C ILE A 137 34.60 11.76 -2.05
N GLY A 138 35.70 12.40 -2.43
CA GLY A 138 37.00 11.74 -2.53
C GLY A 138 37.22 10.91 -3.79
N ARG A 139 36.31 10.97 -4.75
CA ARG A 139 36.34 10.16 -5.98
C ARG A 139 36.49 8.63 -5.72
N VAL A 140 35.93 8.17 -4.60
CA VAL A 140 36.05 6.76 -4.21
C VAL A 140 35.04 5.95 -5.01
N THR A 141 35.51 4.82 -5.55
CA THR A 141 34.69 3.98 -6.40
C THR A 141 33.52 3.44 -5.56
N PRO A 142 32.27 3.75 -5.97
CA PRO A 142 31.13 3.23 -5.21
C PRO A 142 31.00 1.72 -5.28
N ILE A 143 30.26 1.18 -4.32
CA ILE A 143 30.18 -0.26 -4.15
C ILE A 143 29.58 -0.97 -5.34
N PHE A 144 28.52 -0.42 -5.93
CA PHE A 144 27.91 -1.10 -7.08
C PHE A 144 28.85 -1.15 -8.28
N ASP A 145 29.64 -0.10 -8.49
CA ASP A 145 30.68 -0.11 -9.54
C ASP A 145 31.73 -1.20 -9.32
N ASN A 146 32.12 -1.42 -8.05
CA ASN A 146 33.06 -2.51 -7.74
C ASN A 146 32.43 -3.88 -7.96
N ILE A 147 31.16 -4.03 -7.59
CA ILE A 147 30.45 -5.28 -7.81
C ILE A 147 30.36 -5.57 -9.31
N ILE A 148 30.02 -4.56 -10.10
CA ILE A 148 29.94 -4.69 -11.54
C ILE A 148 31.28 -5.12 -12.16
N SER A 149 32.40 -4.59 -11.65
CA SER A 149 33.75 -4.98 -12.10
C SER A 149 34.05 -6.49 -12.05
N GLN A 150 33.45 -7.20 -11.10
CA GLN A 150 33.63 -8.65 -10.95
C GLN A 150 33.03 -9.47 -12.07
N GLY A 151 32.03 -8.93 -12.76
CA GLY A 151 31.45 -9.61 -13.91
C GLY A 151 30.53 -10.75 -13.53
N VAL A 152 29.91 -10.66 -12.36
CA VAL A 152 29.01 -11.70 -11.88
C VAL A 152 27.54 -11.36 -12.10
N LEU A 153 27.16 -10.09 -11.96
CA LEU A 153 25.76 -9.72 -12.08
C LEU A 153 25.25 -9.92 -13.51
N LYS A 154 23.99 -10.35 -13.62
CA LYS A 154 23.35 -10.59 -14.90
C LYS A 154 23.14 -9.31 -15.69
N GLU A 155 22.67 -8.28 -14.99
CA GLU A 155 22.39 -6.98 -15.60
C GLU A 155 23.03 -5.88 -14.77
N ASP A 156 23.36 -4.77 -15.43
CA ASP A 156 23.95 -3.62 -14.79
C ASP A 156 22.81 -2.77 -14.22
N VAL A 157 22.02 -3.37 -13.31
CA VAL A 157 20.86 -2.71 -12.72
C VAL A 157 20.69 -3.18 -11.29
N PHE A 158 19.96 -2.39 -10.52
CA PHE A 158 19.47 -2.79 -9.21
C PHE A 158 18.09 -2.17 -8.98
N SER A 159 17.30 -2.81 -8.11
CA SER A 159 15.87 -2.49 -7.95
C SER A 159 15.43 -2.47 -6.51
N PHE A 160 14.48 -1.59 -6.20
CA PHE A 160 14.00 -1.38 -4.85
C PHE A 160 12.52 -1.69 -4.68
N TYR A 161 12.22 -2.48 -3.64
CA TYR A 161 10.87 -2.71 -3.15
C TYR A 161 10.86 -2.26 -1.68
N TYR A 162 9.97 -1.32 -1.36
CA TYR A 162 9.70 -0.88 0.01
C TYR A 162 8.25 -1.23 0.33
N ASN A 163 8.05 -2.11 1.31
CA ASN A 163 6.72 -2.52 1.76
C ASN A 163 6.05 -1.44 2.60
N ARG A 164 4.73 -1.51 2.68
CA ARG A 164 3.90 -0.61 3.49
C ARG A 164 3.77 -0.98 4.97
N ASP A 165 4.11 -2.21 5.36
CA ASP A 165 3.83 -2.73 6.71
C ASP A 165 5.00 -2.62 7.66
N SER A 166 4.96 -1.64 8.55
CA SER A 166 5.95 -1.52 9.62
C SER A 166 5.36 -2.15 10.88
N SER A 169 5.29 -7.43 11.29
CA SER A 169 6.34 -8.21 11.94
C SER A 169 6.65 -9.52 11.20
N GLN A 170 5.60 -10.18 10.72
CA GLN A 170 5.76 -11.33 9.80
C GLN A 170 6.25 -10.90 8.41
N SER A 171 5.99 -9.65 8.03
CA SER A 171 6.23 -9.19 6.67
C SER A 171 7.70 -8.86 6.34
N LEU A 172 7.99 -8.97 5.04
CA LEU A 172 9.19 -8.47 4.44
C LEU A 172 9.09 -6.94 4.41
N GLY A 173 10.03 -6.27 5.08
CA GLY A 173 10.08 -4.80 5.10
C GLY A 173 10.43 -4.16 3.76
N GLY A 174 11.26 -4.84 2.98
CA GLY A 174 11.63 -4.40 1.66
C GLY A 174 12.71 -5.29 1.08
N GLN A 175 13.20 -4.96 -0.10
CA GLN A 175 14.10 -5.83 -0.86
C GLN A 175 14.85 -5.04 -1.92
N ILE A 176 16.17 -5.23 -1.99
CA ILE A 176 16.98 -4.72 -3.10
C ILE A 176 17.52 -5.89 -3.88
N VAL A 177 17.22 -5.92 -5.18
CA VAL A 177 17.82 -6.89 -6.08
C VAL A 177 19.01 -6.24 -6.76
N LEU A 178 20.17 -6.82 -6.56
CA LEU A 178 21.37 -6.47 -7.29
C LEU A 178 21.42 -7.36 -8.53
N GLY A 179 21.47 -6.74 -9.71
CA GLY A 179 21.59 -7.48 -10.97
C GLY A 179 20.28 -7.77 -11.71
N GLY A 180 19.18 -7.22 -11.21
CA GLY A 180 17.89 -7.38 -11.85
C GLY A 180 16.75 -6.78 -11.03
N SER A 181 15.58 -7.37 -11.20
CA SER A 181 14.38 -7.00 -10.48
C SER A 181 13.62 -8.28 -10.13
N ASP A 182 12.75 -8.19 -9.12
CA ASP A 182 11.96 -9.33 -8.66
C ASP A 182 10.50 -9.19 -9.14
N PRO A 183 10.08 -10.04 -10.10
CA PRO A 183 8.68 -10.00 -10.54
C PRO A 183 7.65 -10.23 -9.41
N GLN A 184 8.05 -10.84 -8.30
CA GLN A 184 7.18 -11.04 -7.13
CA GLN A 184 7.14 -11.04 -7.16
C GLN A 184 6.65 -9.73 -6.55
N HIS A 185 7.38 -8.63 -6.77
CA HIS A 185 7.03 -7.35 -6.16
C HIS A 185 6.63 -6.21 -7.09
N TYR A 186 6.35 -6.50 -8.35
CA TYR A 186 5.74 -5.49 -9.22
C TYR A 186 4.79 -6.16 -10.20
N GLU A 187 3.97 -5.35 -10.86
CA GLU A 187 3.00 -5.83 -11.83
C GLU A 187 2.80 -4.77 -12.91
N GLY A 188 2.24 -5.18 -14.04
CA GLY A 188 2.22 -4.35 -15.24
C GLY A 188 3.63 -4.20 -15.79
N ASN A 189 3.79 -3.26 -16.71
CA ASN A 189 5.08 -3.02 -17.35
C ASN A 189 5.84 -1.92 -16.66
N PHE A 190 7.16 -1.97 -16.82
CA PHE A 190 8.01 -0.85 -16.45
C PHE A 190 7.80 0.28 -17.45
N HIS A 191 7.82 1.51 -16.95
CA HIS A 191 7.87 2.72 -17.76
C HIS A 191 9.14 3.48 -17.39
N TYR A 192 9.95 3.78 -18.40
CA TYR A 192 11.29 4.30 -18.20
C TYR A 192 11.40 5.80 -18.46
N ILE A 193 12.21 6.46 -17.64
CA ILE A 193 12.59 7.85 -17.84
C ILE A 193 14.11 7.88 -17.80
N ASN A 194 14.70 8.51 -18.82
CA ASN A 194 16.16 8.55 -18.95
C ASN A 194 16.74 9.65 -18.06
N LEU A 195 17.98 9.45 -17.62
CA LEU A 195 18.61 10.40 -16.72
C LEU A 195 18.93 11.74 -17.41
N ILE A 196 18.64 12.83 -16.71
CA ILE A 196 18.78 14.21 -17.20
C ILE A 196 20.16 14.84 -16.96
N LYS A 197 21.00 14.20 -16.15
CA LYS A 197 22.24 14.82 -15.66
C LYS A 197 23.30 13.79 -15.27
N THR A 198 24.55 14.06 -15.63
CA THR A 198 25.64 13.10 -15.45
C THR A 198 25.85 12.79 -13.98
N GLY A 199 25.88 11.51 -13.65
CA GLY A 199 26.22 11.06 -12.32
C GLY A 199 25.21 11.27 -11.20
N VAL A 200 23.93 11.45 -11.54
CA VAL A 200 22.85 11.60 -10.53
C VAL A 200 21.64 10.78 -10.94
N TRP A 201 20.97 10.18 -9.97
CA TRP A 201 19.74 9.45 -10.23
C TRP A 201 18.61 10.47 -10.25
N GLN A 202 18.64 11.33 -11.27
CA GLN A 202 17.74 12.48 -11.39
C GLN A 202 17.10 12.49 -12.75
N ILE A 203 15.81 12.82 -12.79
CA ILE A 203 15.04 12.82 -14.02
C ILE A 203 14.24 14.10 -14.17
N GLN A 204 13.81 14.36 -15.40
CA GLN A 204 12.88 15.44 -15.74
C GLN A 204 11.47 15.11 -15.21
N MET A 205 10.82 16.09 -14.59
CA MET A 205 9.42 16.00 -14.19
C MET A 205 8.63 17.12 -14.89
N LYS A 206 7.46 16.81 -15.42
CA LYS A 206 6.71 17.73 -16.27
C LYS A 206 5.54 18.45 -15.60
N GLY A 207 5.32 18.23 -14.30
CA GLY A 207 4.19 18.84 -13.60
C GLY A 207 3.81 18.09 -12.33
N VAL A 208 3.36 18.84 -11.33
CA VAL A 208 2.84 18.27 -10.09
C VAL A 208 1.41 18.77 -9.87
N SER A 209 0.47 17.83 -9.85
CA SER A 209 -0.95 18.13 -9.79
C SER A 209 -1.53 17.81 -8.42
N VAL A 210 -2.43 18.69 -7.96
CA VAL A 210 -3.26 18.47 -6.78
C VAL A 210 -4.71 18.47 -7.27
N GLY A 211 -5.38 17.33 -7.17
CA GLY A 211 -6.76 17.19 -7.66
C GLY A 211 -6.90 17.33 -9.17
N THR A 214 -3.06 20.74 -12.18
CA THR A 214 -1.66 21.09 -12.33
C THR A 214 -1.45 22.52 -11.86
N LEU A 215 -0.94 22.67 -10.64
CA LEU A 215 -0.63 23.99 -10.09
C LEU A 215 0.84 24.17 -9.67
N LEU A 216 1.69 23.17 -9.99
CA LEU A 216 3.13 23.23 -9.72
C LEU A 216 3.97 22.57 -10.82
N CYS A 217 5.21 23.03 -10.97
CA CYS A 217 6.15 22.49 -11.96
C CYS A 217 5.58 22.58 -13.40
N GLU A 218 4.85 23.65 -13.67
CA GLU A 218 4.07 23.80 -14.91
C GLU A 218 4.94 23.91 -16.17
N ASP A 219 6.09 24.57 -16.04
CA ASP A 219 7.07 24.68 -17.13
C ASP A 219 8.34 23.86 -16.84
N GLY A 220 8.17 22.69 -16.23
CA GLY A 220 9.25 21.74 -16.00
C GLY A 220 10.05 21.96 -14.72
N CYS A 221 10.59 20.86 -14.21
CA CYS A 221 11.40 20.85 -12.99
C CYS A 221 12.14 19.49 -12.89
N LEU A 222 12.84 19.25 -11.77
CA LEU A 222 13.66 18.05 -11.62
C LEU A 222 13.21 17.22 -10.42
N ALA A 223 13.41 15.91 -10.53
CA ALA A 223 13.10 14.96 -9.46
C ALA A 223 14.29 14.02 -9.26
N LEU A 224 14.92 14.14 -8.09
CA LEU A 224 15.89 13.17 -7.61
C LEU A 224 15.13 11.96 -7.09
N VAL A 225 15.45 10.76 -7.57
CA VAL A 225 14.81 9.54 -7.04
C VAL A 225 15.74 8.99 -5.95
N ASP A 226 15.34 9.22 -4.69
CA ASP A 226 16.23 9.05 -3.55
C ASP A 226 15.75 7.98 -2.55
N THR A 227 16.25 6.76 -2.76
CA THR A 227 15.86 5.63 -1.93
C THR A 227 16.19 5.82 -0.45
N GLY A 228 17.18 6.69 -0.16
CA GLY A 228 17.58 6.97 1.21
C GLY A 228 16.78 8.01 1.96
N ALA A 229 15.80 8.64 1.31
CA ALA A 229 14.97 9.65 1.95
C ALA A 229 13.61 9.06 2.33
N SER A 230 13.10 9.47 3.50
CA SER A 230 11.82 9.00 4.01
C SER A 230 10.64 9.52 3.17
N TYR A 231 10.73 10.77 2.73
CA TYR A 231 9.58 11.50 2.21
C TYR A 231 9.75 11.94 0.76
N ILE A 232 8.67 12.45 0.21
CA ILE A 232 8.77 13.26 -0.98
C ILE A 232 9.13 14.67 -0.50
N SER A 233 10.05 15.33 -1.19
CA SER A 233 10.32 16.75 -0.91
C SER A 233 10.30 17.59 -2.16
N GLY A 234 10.01 18.87 -1.95
CA GLY A 234 10.20 19.91 -2.95
C GLY A 234 10.83 21.11 -2.24
N SER A 235 11.12 22.16 -3.00
CA SER A 235 11.65 23.39 -2.41
C SER A 235 10.63 23.98 -1.43
N THR A 236 11.11 24.91 -0.60
CA THR A 236 10.28 25.57 0.40
C THR A 236 9.12 26.29 -0.27
N SER A 237 9.39 26.98 -1.37
CA SER A 237 8.35 27.70 -2.06
C SER A 237 7.37 26.72 -2.74
N SER A 238 7.88 25.66 -3.36
CA SER A 238 7.02 24.62 -3.96
C SER A 238 6.08 23.96 -2.93
N ILE A 239 6.66 23.54 -1.81
CA ILE A 239 5.89 22.88 -0.75
C ILE A 239 4.90 23.83 -0.06
N GLU A 240 5.26 25.11 0.07
CA GLU A 240 4.30 26.12 0.58
C GLU A 240 3.01 26.20 -0.25
N LYS A 241 3.11 26.17 -1.58
CA LYS A 241 1.94 26.21 -2.47
C LYS A 241 1.17 24.88 -2.47
N LEU A 242 1.90 23.77 -2.43
CA LEU A 242 1.30 22.45 -2.33
C LEU A 242 0.48 22.34 -1.03
N MET A 243 1.05 22.80 0.06
CA MET A 243 0.44 22.64 1.38
C MET A 243 -0.71 23.61 1.63
N GLU A 244 -0.67 24.80 1.03
CA GLU A 244 -1.83 25.71 1.10
C GLU A 244 -3.03 25.07 0.39
N ALA A 245 -2.79 24.44 -0.76
CA ALA A 245 -3.84 23.73 -1.50
C ALA A 245 -4.44 22.51 -0.76
N LEU A 246 -3.64 21.83 0.07
CA LEU A 246 -4.16 20.77 0.94
C LEU A 246 -4.81 21.27 2.24
N GLY A 247 -4.51 22.50 2.65
CA GLY A 247 -5.03 23.06 3.90
C GLY A 247 -4.26 22.60 5.13
N ALA A 248 -2.99 22.22 4.95
CA ALA A 248 -2.17 21.68 6.03
C ALA A 248 -1.41 22.79 6.76
N LYS A 249 -1.14 22.56 8.05
CA LYS A 249 -0.49 23.55 8.90
C LYS A 249 1.01 23.25 8.95
N LYS A 250 1.81 24.32 8.81
CA LYS A 250 3.27 24.21 8.89
C LYS A 250 3.70 24.18 10.35
N ARG A 251 4.49 23.16 10.70
CA ARG A 251 5.16 23.08 11.98
C ARG A 251 6.67 23.24 11.70
N LEU A 252 7.51 22.81 12.64
CA LEU A 252 8.95 22.98 12.56
C LEU A 252 9.62 22.10 11.50
N PHE A 253 9.35 20.79 11.55
CA PHE A 253 9.98 19.80 10.65
C PHE A 253 9.01 19.02 9.75
N ASP A 254 7.74 19.43 9.73
CA ASP A 254 6.73 18.74 8.95
C ASP A 254 5.50 19.60 8.76
N TYR A 255 4.57 19.08 7.96
CA TYR A 255 3.26 19.66 7.79
C TYR A 255 2.23 18.65 8.29
N VAL A 256 1.18 19.16 8.94
CA VAL A 256 0.13 18.32 9.52
C VAL A 256 -1.23 18.78 9.08
N VAL A 257 -2.17 17.87 9.27
CA VAL A 257 -3.55 18.09 8.94
C VAL A 257 -4.33 17.51 10.11
N LYS A 258 -5.51 18.06 10.42
CA LYS A 258 -6.35 17.45 11.46
C LYS A 258 -6.71 16.02 10.99
N CYS A 259 -6.55 15.04 11.88
CA CYS A 259 -6.62 13.64 11.48
C CYS A 259 -7.91 13.23 10.78
N ASN A 260 -9.04 13.80 11.22
CA ASN A 260 -10.32 13.61 10.53
C ASN A 260 -10.33 14.07 9.07
N GLU A 261 -9.48 15.04 8.72
CA GLU A 261 -9.39 15.58 7.37
C GLU A 261 -8.55 14.71 6.42
N GLY A 262 -7.61 13.94 6.97
CA GLY A 262 -6.73 13.05 6.20
C GLY A 262 -7.34 12.28 5.02
N PRO A 263 -8.43 11.52 5.26
CA PRO A 263 -9.09 10.76 4.18
C PRO A 263 -9.74 11.59 3.08
N THR A 264 -10.08 12.85 3.36
CA THR A 264 -10.70 13.75 2.37
C THR A 264 -9.69 14.43 1.44
N LEU A 265 -8.40 14.39 1.79
CA LEU A 265 -7.36 15.08 1.03
C LEU A 265 -7.25 14.57 -0.42
N PRO A 266 -6.98 15.48 -1.37
CA PRO A 266 -6.94 15.10 -2.78
C PRO A 266 -5.70 14.31 -3.20
N ASP A 267 -5.78 13.69 -4.37
CA ASP A 267 -4.64 12.99 -4.95
C ASP A 267 -3.56 13.98 -5.33
N ILE A 268 -2.31 13.53 -5.25
CA ILE A 268 -1.17 14.29 -5.73
C ILE A 268 -0.51 13.47 -6.84
N SER A 269 -0.34 14.09 -8.01
CA SER A 269 0.19 13.41 -9.18
C SER A 269 1.49 14.05 -9.67
N PHE A 270 2.46 13.18 -9.96
CA PHE A 270 3.76 13.57 -10.48
C PHE A 270 3.88 13.08 -11.91
N HIS A 271 4.02 14.02 -12.85
CA HIS A 271 4.09 13.70 -14.27
C HIS A 271 5.56 13.38 -14.62
N LEU A 272 5.83 12.11 -14.90
CA LEU A 272 7.17 11.61 -15.21
C LEU A 272 7.16 10.78 -16.48
N GLY A 273 7.88 11.25 -17.51
CA GLY A 273 8.02 10.52 -18.78
C GLY A 273 6.74 10.06 -19.47
N GLY A 274 5.75 10.94 -19.60
CA GLY A 274 4.50 10.54 -20.26
C GLY A 274 3.54 9.66 -19.45
N LYS A 275 3.81 9.44 -18.16
CA LYS A 275 2.84 8.82 -17.27
C LYS A 275 2.64 9.72 -16.05
N GLU A 276 1.42 9.72 -15.54
CA GLU A 276 1.05 10.44 -14.34
C GLU A 276 1.17 9.43 -13.18
N TYR A 277 1.97 9.77 -12.16
CA TYR A 277 2.18 8.90 -10.98
C TYR A 277 1.41 9.47 -9.80
N THR A 278 0.36 8.76 -9.38
CA THR A 278 -0.65 9.33 -8.49
C THR A 278 -0.61 8.69 -7.11
N LEU A 279 -0.51 9.54 -6.09
CA LEU A 279 -0.66 9.12 -4.70
C LEU A 279 -1.98 9.62 -4.17
N THR A 280 -2.75 8.74 -3.54
CA THR A 280 -3.96 9.13 -2.82
C THR A 280 -3.54 9.53 -1.40
N SER A 281 -4.48 10.03 -0.60
CA SER A 281 -4.16 10.46 0.76
C SER A 281 -3.65 9.31 1.66
N ALA A 282 -4.13 8.09 1.41
CA ALA A 282 -3.64 6.92 2.12
C ALA A 282 -2.16 6.62 1.82
N ASP A 283 -1.65 7.13 0.71
CA ASP A 283 -0.23 6.99 0.37
C ASP A 283 0.68 8.07 0.96
N TYR A 284 0.13 9.20 1.40
CA TYR A 284 0.98 10.28 1.93
C TYR A 284 0.58 10.86 3.32
N VAL A 285 -0.47 10.31 3.96
CA VAL A 285 -0.88 10.73 5.30
C VAL A 285 -0.54 9.62 6.28
N PHE A 286 0.18 9.95 7.36
CA PHE A 286 0.31 9.02 8.49
C PHE A 286 -0.98 9.07 9.28
N GLN A 287 -1.94 8.27 8.85
CA GLN A 287 -3.29 8.27 9.40
C GLN A 287 -3.30 7.51 10.74
N GLU A 288 -2.93 8.20 11.81
CA GLU A 288 -2.73 7.57 13.12
C GLU A 288 -4.01 7.50 13.94
N SER A 289 -4.94 8.42 13.69
CA SER A 289 -6.29 8.35 14.24
C SER A 289 -7.25 9.04 13.27
N TYR A 290 -8.53 9.11 13.60
CA TYR A 290 -9.52 9.86 12.82
C TYR A 290 -10.15 11.02 13.60
N SER A 291 -9.51 11.40 14.71
CA SER A 291 -10.03 12.44 15.60
C SER A 291 -9.78 13.85 15.05
N SER A 292 -10.73 14.76 15.28
CA SER A 292 -10.52 16.18 15.00
C SER A 292 -9.57 16.87 16.00
N LYS A 293 -9.40 16.28 17.17
CA LYS A 293 -8.49 16.80 18.21
C LYS A 293 -7.02 16.43 17.98
N LYS A 294 -6.75 15.49 17.08
CA LYS A 294 -5.39 15.02 16.82
C LYS A 294 -4.87 15.55 15.49
N LEU A 295 -3.55 15.69 15.40
CA LEU A 295 -2.88 16.13 14.19
C LEU A 295 -2.14 14.92 13.60
N CYS A 296 -2.23 14.78 12.29
CA CYS A 296 -1.60 13.68 11.58
C CYS A 296 -0.60 14.28 10.59
N THR A 297 0.60 13.72 10.54
CA THR A 297 1.67 14.27 9.70
C THR A 297 1.63 13.70 8.28
N LEU A 298 2.09 14.51 7.34
CA LEU A 298 2.12 14.15 5.92
C LEU A 298 3.53 13.73 5.58
N ALA A 299 3.65 12.77 4.67
CA ALA A 299 4.95 12.23 4.23
C ALA A 299 5.53 13.03 3.04
N ILE A 300 5.34 14.35 3.10
CA ILE A 300 5.81 15.31 2.11
C ILE A 300 6.34 16.49 2.93
N HIS A 301 7.60 16.85 2.74
CA HIS A 301 8.27 17.90 3.53
C HIS A 301 9.01 18.87 2.60
N ALA A 302 9.41 20.01 3.12
CA ALA A 302 10.25 20.95 2.36
C ALA A 302 11.72 20.57 2.55
N MET A 303 12.47 20.56 1.45
CA MET A 303 13.92 20.31 1.49
C MET A 303 14.56 21.07 0.31
N ASP A 304 15.22 22.18 0.63
CA ASP A 304 15.97 22.95 -0.38
C ASP A 304 17.34 22.32 -0.59
N ILE A 305 17.50 21.65 -1.73
CA ILE A 305 18.73 20.96 -2.05
C ILE A 305 19.59 21.91 -2.90
N PRO A 306 20.86 22.13 -2.50
CA PRO A 306 21.63 23.17 -3.16
C PRO A 306 22.15 22.73 -4.53
N PRO A 307 22.63 23.68 -5.36
CA PRO A 307 23.34 23.28 -6.58
C PRO A 307 24.62 22.46 -6.32
N PRO A 308 25.07 21.68 -7.31
CA PRO A 308 24.44 21.55 -8.63
C PRO A 308 23.32 20.49 -8.73
N THR A 309 23.06 19.72 -7.67
CA THR A 309 22.01 18.69 -7.70
C THR A 309 20.61 19.34 -7.76
N GLY A 310 20.39 20.35 -6.92
CA GLY A 310 19.14 21.10 -6.90
C GLY A 310 19.22 22.49 -7.53
N PRO A 311 18.18 23.31 -7.37
CA PRO A 311 16.94 22.96 -6.68
C PRO A 311 16.21 21.81 -7.35
N THR A 312 15.55 20.97 -6.56
CA THR A 312 14.92 19.77 -7.08
C THR A 312 13.92 19.19 -6.09
N TRP A 313 12.93 18.50 -6.64
CA TRP A 313 12.10 17.62 -5.86
C TRP A 313 12.91 16.37 -5.57
N ALA A 314 12.52 15.65 -4.52
CA ALA A 314 13.09 14.34 -4.22
C ALA A 314 11.93 13.37 -3.96
N LEU A 315 11.97 12.22 -4.61
CA LEU A 315 10.96 11.19 -4.47
C LEU A 315 11.60 10.09 -3.62
N GLY A 316 11.25 10.09 -2.33
CA GLY A 316 11.77 9.13 -1.36
C GLY A 316 10.82 7.95 -1.16
N ALA A 317 10.89 7.37 0.03
CA ALA A 317 10.17 6.12 0.33
C ALA A 317 8.65 6.22 0.16
N THR A 318 8.06 7.40 0.42
CA THR A 318 6.62 7.64 0.16
C THR A 318 6.23 7.23 -1.26
N PHE A 319 7.07 7.63 -2.22
CA PHE A 319 6.85 7.32 -3.63
C PHE A 319 7.21 5.87 -3.95
N ILE A 320 8.34 5.40 -3.45
CA ILE A 320 8.85 4.07 -3.79
C ILE A 320 7.95 2.95 -3.24
N ARG A 321 7.32 3.16 -2.09
CA ARG A 321 6.31 2.23 -1.57
C ARG A 321 5.24 1.89 -2.59
N LYS A 322 4.79 2.89 -3.35
CA LYS A 322 3.79 2.63 -4.38
C LYS A 322 4.39 2.13 -5.68
N PHE A 323 5.57 2.63 -6.04
CA PHE A 323 6.19 2.30 -7.32
C PHE A 323 7.55 1.61 -7.18
N TYR A 324 7.54 0.30 -7.42
CA TYR A 324 8.74 -0.50 -7.54
C TYR A 324 9.67 0.18 -8.53
N THR A 325 10.95 0.33 -8.16
CA THR A 325 11.87 1.18 -8.90
C THR A 325 13.11 0.40 -9.34
N GLU A 326 13.35 0.40 -10.66
CA GLU A 326 14.56 -0.16 -11.23
C GLU A 326 15.49 0.97 -11.61
N PHE A 327 16.74 0.87 -11.16
CA PHE A 327 17.80 1.81 -11.49
C PHE A 327 18.73 1.13 -12.49
N ASP A 328 18.71 1.62 -13.73
CA ASP A 328 19.36 0.99 -14.88
C ASP A 328 20.61 1.76 -15.25
N ARG A 329 21.75 1.23 -14.81
CA ARG A 329 23.05 1.81 -15.11
C ARG A 329 23.51 1.66 -16.57
N ARG A 330 23.13 0.58 -17.27
CA ARG A 330 23.58 0.38 -18.64
C ARG A 330 23.00 1.39 -19.62
N ASN A 331 21.74 1.76 -19.39
CA ASN A 331 20.99 2.62 -20.29
C ASN A 331 20.72 4.01 -19.70
N ASN A 332 21.26 4.28 -18.52
CA ASN A 332 21.03 5.53 -17.78
C ASN A 332 19.57 5.96 -17.73
N ARG A 333 18.78 5.13 -17.06
CA ARG A 333 17.35 5.34 -16.89
C ARG A 333 16.85 4.78 -15.57
N ILE A 334 15.68 5.28 -15.19
CA ILE A 334 14.95 4.77 -14.05
C ILE A 334 13.64 4.22 -14.60
N GLY A 335 13.29 3.03 -14.13
CA GLY A 335 12.03 2.38 -14.45
C GLY A 335 11.13 2.31 -13.24
N PHE A 336 9.85 2.61 -13.44
CA PHE A 336 8.82 2.45 -12.41
C PHE A 336 7.75 1.45 -12.85
N ALA A 337 7.28 0.68 -11.88
CA ALA A 337 6.14 -0.20 -12.06
C ALA A 337 5.36 -0.21 -10.77
N LEU A 338 4.10 -0.64 -10.85
CA LEU A 338 3.22 -0.67 -9.70
C LEU A 338 3.73 -1.75 -8.75
N ALA A 339 4.07 -1.36 -7.53
CA ALA A 339 4.53 -2.31 -6.52
C ALA A 339 3.39 -3.19 -6.04
N ARG A 340 3.73 -4.43 -5.75
CA ARG A 340 2.95 -5.30 -4.89
C ARG A 340 3.94 -5.88 -3.88
N LEU B 1 -13.43 -21.53 -21.10
CA LEU B 1 -12.42 -21.10 -20.08
C LEU B 1 -10.99 -21.30 -20.60
N THR B 2 -10.26 -20.19 -20.77
CA THR B 2 -8.84 -20.19 -21.12
C THR B 2 -8.06 -19.66 -19.90
N LEU B 3 -6.97 -20.34 -19.53
CA LEU B 3 -6.13 -19.93 -18.40
C LEU B 3 -4.70 -19.58 -18.87
N GLY B 4 -4.14 -18.53 -18.26
CA GLY B 4 -2.78 -18.07 -18.53
C GLY B 4 -1.93 -18.23 -17.29
N ASN B 5 -1.11 -17.24 -17.00
CA ASN B 5 -0.11 -17.36 -15.94
C ASN B 5 0.01 -16.10 -15.06
N THR B 6 -1.00 -15.25 -15.05
CA THR B 6 -0.89 -13.96 -14.37
C THR B 6 -1.86 -13.82 -13.18
N THR B 7 -1.42 -13.03 -12.21
CA THR B 7 -2.27 -12.53 -11.17
C THR B 7 -2.11 -11.02 -11.11
N SER B 8 -3.10 -10.35 -10.56
CA SER B 8 -3.08 -8.92 -10.39
C SER B 8 -3.57 -8.59 -9.00
N SER B 9 -2.75 -7.88 -8.24
CA SER B 9 -3.16 -7.49 -6.91
C SER B 9 -3.42 -5.99 -6.79
N VAL B 10 -4.34 -5.63 -5.90
CA VAL B 10 -4.65 -4.24 -5.61
C VAL B 10 -4.58 -4.04 -4.10
N ILE B 11 -3.75 -3.10 -3.68
CA ILE B 11 -3.61 -2.80 -2.26
C ILE B 11 -4.83 -1.99 -1.85
N LEU B 12 -5.40 -2.35 -0.71
CA LEU B 12 -6.60 -1.71 -0.23
C LEU B 12 -6.32 -0.82 0.97
N THR B 13 -7.10 0.26 1.05
CA THR B 13 -7.13 1.12 2.22
C THR B 13 -8.24 0.66 3.17
N ASN B 14 -7.94 0.65 4.46
CA ASN B 14 -8.91 0.36 5.51
C ASN B 14 -9.30 1.64 6.23
N TYR B 15 -10.53 2.09 6.00
CA TYR B 15 -11.10 3.23 6.75
C TYR B 15 -11.98 2.70 7.87
N MET B 16 -11.53 2.85 9.10
CA MET B 16 -12.34 2.57 10.32
C MET B 16 -12.86 1.15 10.49
N ASP B 17 -12.25 0.17 9.84
CA ASP B 17 -12.79 -1.20 9.77
C ASP B 17 -14.20 -1.28 9.14
N THR B 18 -14.66 -0.22 8.45
CA THR B 18 -15.99 -0.23 7.81
C THR B 18 -15.97 -0.07 6.31
N GLN B 19 -14.90 0.48 5.75
CA GLN B 19 -14.80 0.67 4.32
C GLN B 19 -13.40 0.24 3.88
N TYR B 20 -13.38 -0.68 2.91
CA TYR B 20 -12.18 -1.20 2.31
C TYR B 20 -12.28 -0.89 0.81
N TYR B 21 -11.28 -0.18 0.30
CA TYR B 21 -11.28 0.27 -1.10
C TYR B 21 -9.87 0.37 -1.63
N GLY B 22 -9.75 0.27 -2.94
CA GLY B 22 -8.47 0.31 -3.63
C GLY B 22 -8.64 1.07 -4.92
N GLU B 23 -7.55 1.18 -5.68
CA GLU B 23 -7.52 2.05 -6.86
C GLU B 23 -7.75 1.28 -8.15
N ILE B 24 -8.50 1.90 -9.05
CA ILE B 24 -8.52 1.54 -10.47
C ILE B 24 -8.20 2.76 -11.32
N GLY B 25 -7.73 2.51 -12.53
CA GLY B 25 -7.60 3.54 -13.56
C GLY B 25 -8.75 3.38 -14.54
N ILE B 26 -9.30 4.50 -15.03
CA ILE B 26 -10.27 4.49 -16.12
C ILE B 26 -9.84 5.54 -17.13
N GLY B 27 -9.72 5.12 -18.39
CA GLY B 27 -9.39 6.02 -19.48
C GLY B 27 -7.97 5.90 -19.97
N THR B 28 -7.68 6.65 -21.05
CA THR B 28 -6.33 6.80 -21.57
C THR B 28 -6.07 8.32 -21.68
N PRO B 29 -5.20 8.92 -20.85
CA PRO B 29 -4.45 8.26 -19.78
C PRO B 29 -5.34 7.86 -18.59
N PRO B 30 -4.87 6.94 -17.73
CA PRO B 30 -5.74 6.51 -16.62
C PRO B 30 -6.10 7.62 -15.62
N GLN B 31 -7.38 7.76 -15.31
CA GLN B 31 -7.86 8.59 -14.22
C GLN B 31 -8.13 7.68 -13.03
N THR B 32 -7.59 8.04 -11.87
CA THR B 32 -7.60 7.16 -10.70
C THR B 32 -8.83 7.32 -9.81
N PHE B 33 -9.43 6.20 -9.42
CA PHE B 33 -10.61 6.18 -8.53
C PHE B 33 -10.43 5.20 -7.38
N LYS B 34 -10.92 5.59 -6.21
CA LYS B 34 -11.00 4.71 -5.06
C LYS B 34 -12.32 3.96 -5.22
N VAL B 35 -12.25 2.63 -5.23
CA VAL B 35 -13.45 1.80 -5.36
C VAL B 35 -13.50 0.66 -4.36
N VAL B 36 -14.71 0.33 -3.94
CA VAL B 36 -14.98 -0.90 -3.20
C VAL B 36 -15.12 -2.03 -4.19
N PHE B 37 -14.48 -3.16 -3.90
CA PHE B 37 -14.63 -4.37 -4.70
C PHE B 37 -15.69 -5.21 -4.00
N ASP B 38 -16.80 -5.39 -4.69
CA ASP B 38 -18.08 -5.69 -4.08
C ASP B 38 -18.70 -6.96 -4.66
N THR B 39 -18.56 -8.07 -3.93
CA THR B 39 -19.19 -9.33 -4.35
C THR B 39 -20.72 -9.35 -4.29
N GLY B 40 -21.31 -8.38 -3.58
CA GLY B 40 -22.77 -8.23 -3.50
C GLY B 40 -23.47 -7.47 -4.61
N SER B 41 -22.71 -7.03 -5.62
CA SER B 41 -23.30 -6.36 -6.78
C SER B 41 -22.45 -6.67 -8.00
N SER B 42 -22.91 -6.26 -9.18
CA SER B 42 -22.26 -6.69 -10.43
C SER B 42 -21.92 -5.59 -11.42
N ASN B 43 -22.19 -4.33 -11.08
CA ASN B 43 -21.93 -3.23 -11.99
C ASN B 43 -20.69 -2.48 -11.55
N VAL B 44 -19.99 -1.88 -12.50
CA VAL B 44 -18.96 -0.87 -12.21
C VAL B 44 -19.58 0.52 -12.34
N TRP B 45 -19.39 1.36 -11.34
CA TRP B 45 -19.79 2.76 -11.45
C TRP B 45 -18.84 3.70 -10.73
N VAL B 46 -18.69 4.89 -11.27
CA VAL B 46 -17.93 5.98 -10.65
C VAL B 46 -18.69 7.28 -10.84
N PRO B 47 -18.36 8.32 -10.06
CA PRO B 47 -18.98 9.62 -10.28
C PRO B 47 -18.54 10.22 -11.60
N SER B 48 -19.45 10.93 -12.24
CA SER B 48 -19.20 11.61 -13.52
C SER B 48 -18.77 13.03 -13.27
N SER B 49 -17.89 13.56 -14.11
CA SER B 49 -17.60 15.01 -14.14
C SER B 49 -18.83 15.89 -14.44
N LYS B 50 -19.90 15.29 -14.95
CA LYS B 50 -21.18 15.98 -15.13
C LYS B 50 -21.99 16.15 -13.83
N CYS B 51 -21.59 15.48 -12.75
CA CYS B 51 -22.17 15.71 -11.43
C CYS B 51 -21.91 17.14 -10.94
N SER B 52 -22.99 17.84 -10.59
CA SER B 52 -22.93 19.22 -10.07
C SER B 52 -22.04 19.39 -8.83
N ARG B 53 -21.20 20.42 -8.85
CA ARG B 53 -20.38 20.80 -7.68
C ARG B 53 -21.20 21.31 -6.48
N LEU B 54 -22.48 21.60 -6.67
CA LEU B 54 -23.39 21.92 -5.56
C LEU B 54 -23.73 20.70 -4.69
N TYR B 55 -23.46 19.48 -5.17
CA TYR B 55 -23.39 18.28 -4.33
C TYR B 55 -22.03 18.24 -3.63
N THR B 56 -22.04 18.27 -2.29
CA THR B 56 -20.79 18.16 -1.52
C THR B 56 -20.01 16.89 -1.91
N ALA B 57 -20.72 15.78 -2.14
CA ALA B 57 -20.08 14.52 -2.57
C ALA B 57 -19.30 14.60 -3.89
N CYS B 58 -19.73 15.48 -4.79
CA CYS B 58 -19.04 15.63 -6.09
C CYS B 58 -17.94 16.70 -6.07
N VAL B 59 -17.79 17.40 -4.95
CA VAL B 59 -16.59 18.18 -4.65
C VAL B 59 -15.53 17.29 -4.01
N TYR B 60 -15.94 16.42 -3.07
CA TYR B 60 -14.98 15.61 -2.29
C TYR B 60 -14.68 14.23 -2.87
N HIS B 61 -15.34 13.83 -3.97
CA HIS B 61 -14.97 12.60 -4.68
C HIS B 61 -14.36 12.94 -6.04
N LYS B 62 -13.51 12.03 -6.52
CA LYS B 62 -12.98 12.09 -7.86
C LYS B 62 -14.08 11.79 -8.90
N LEU B 63 -14.07 12.56 -9.99
CA LEU B 63 -15.10 12.51 -11.02
C LEU B 63 -14.47 12.07 -12.34
N PHE B 64 -15.17 11.24 -13.09
CA PHE B 64 -14.66 10.79 -14.39
C PHE B 64 -14.98 11.81 -15.46
N ASP B 65 -13.93 12.31 -16.12
CA ASP B 65 -14.07 13.25 -17.23
C ASP B 65 -13.82 12.52 -18.55
N ALA B 66 -14.91 12.16 -19.22
CA ALA B 66 -14.87 11.41 -20.47
C ALA B 66 -14.09 12.13 -21.58
N SER B 67 -14.18 13.45 -21.64
CA SER B 67 -13.47 14.21 -22.67
C SER B 67 -11.92 14.22 -22.52
N ASP B 68 -11.37 13.79 -21.38
CA ASP B 68 -9.91 13.62 -21.23
C ASP B 68 -9.37 12.22 -21.61
N SER B 69 -10.24 11.31 -22.03
CA SER B 69 -9.85 9.95 -22.40
C SER B 69 -9.99 9.72 -23.91
N SER B 70 -8.91 9.29 -24.55
CA SER B 70 -8.91 8.99 -25.98
C SER B 70 -9.60 7.65 -26.31
N SER B 71 -9.70 6.76 -25.33
CA SER B 71 -10.30 5.44 -25.53
C SER B 71 -11.78 5.35 -25.08
N TYR B 72 -12.32 6.44 -24.53
CA TYR B 72 -13.74 6.54 -24.17
C TYR B 72 -14.67 6.34 -25.38
N LYS B 73 -15.67 5.47 -25.22
CA LYS B 73 -16.75 5.31 -26.19
C LYS B 73 -18.09 5.54 -25.48
N HIS B 74 -18.79 6.57 -25.93
CA HIS B 74 -20.13 6.92 -25.45
C HIS B 74 -21.13 5.78 -25.64
N ASN B 75 -22.03 5.63 -24.67
CA ASN B 75 -23.22 4.79 -24.83
C ASN B 75 -24.48 5.58 -24.46
N GLY B 76 -24.57 6.01 -23.20
CA GLY B 76 -25.63 6.91 -22.75
C GLY B 76 -26.93 6.30 -22.20
N THR B 77 -27.04 4.97 -22.17
CA THR B 77 -28.18 4.30 -21.54
C THR B 77 -28.30 4.64 -20.05
N GLU B 78 -29.45 5.14 -19.64
CA GLU B 78 -29.71 5.46 -18.24
C GLU B 78 -30.00 4.18 -17.46
N LEU B 79 -29.35 4.02 -16.30
CA LEU B 79 -29.55 2.87 -15.42
C LEU B 79 -29.49 3.28 -13.95
N THR B 80 -30.36 2.69 -13.12
CA THR B 80 -30.50 3.08 -11.72
C THR B 80 -29.88 2.04 -10.77
N SER B 89 -27.84 6.11 -9.61
CA SER B 89 -28.47 6.46 -10.89
C SER B 89 -27.58 7.32 -11.81
N GLY B 90 -27.28 6.79 -13.00
CA GLY B 90 -26.43 7.45 -13.97
C GLY B 90 -26.57 6.84 -15.36
N PHE B 91 -25.53 6.98 -16.19
CA PHE B 91 -25.58 6.46 -17.56
C PHE B 91 -24.38 5.59 -17.90
N LEU B 92 -24.57 4.73 -18.90
CA LEU B 92 -23.56 3.78 -19.33
C LEU B 92 -22.49 4.42 -20.20
N SER B 93 -21.25 4.01 -19.99
CA SER B 93 -20.10 4.45 -20.77
C SER B 93 -19.16 3.27 -20.97
N GLN B 94 -18.30 3.35 -21.96
CA GLN B 94 -17.27 2.33 -22.18
C GLN B 94 -15.88 2.95 -22.23
N ASP B 95 -14.94 2.33 -21.52
CA ASP B 95 -13.54 2.74 -21.56
C ASP B 95 -12.65 1.61 -21.03
N ILE B 96 -11.35 1.80 -21.14
CA ILE B 96 -10.38 0.83 -20.67
C ILE B 96 -10.17 1.04 -19.18
N ILE B 97 -10.39 -0.01 -18.40
CA ILE B 97 -10.20 0.01 -16.96
C ILE B 97 -8.93 -0.75 -16.59
N THR B 98 -8.10 -0.12 -15.77
CA THR B 98 -6.85 -0.69 -15.28
C THR B 98 -7.05 -1.16 -13.84
N VAL B 99 -6.83 -2.46 -13.59
CA VAL B 99 -6.92 -3.05 -12.25
C VAL B 99 -5.60 -3.77 -11.98
N GLY B 100 -4.79 -3.18 -11.11
CA GLY B 100 -3.42 -3.64 -10.89
C GLY B 100 -2.67 -3.61 -12.20
N GLY B 101 -2.09 -4.75 -12.58
CA GLY B 101 -1.41 -4.85 -13.89
C GLY B 101 -2.27 -5.21 -15.08
N ILE B 102 -3.57 -5.42 -14.88
CA ILE B 102 -4.50 -5.86 -15.95
C ILE B 102 -5.23 -4.64 -16.53
N THR B 103 -5.40 -4.63 -17.86
CA THR B 103 -6.27 -3.66 -18.54
C THR B 103 -7.41 -4.38 -19.23
N VAL B 104 -8.61 -3.80 -19.17
CA VAL B 104 -9.79 -4.42 -19.73
C VAL B 104 -10.77 -3.35 -20.24
N THR B 105 -11.26 -3.55 -21.46
CA THR B 105 -12.35 -2.74 -21.98
C THR B 105 -13.63 -3.13 -21.23
N GLN B 106 -14.30 -2.13 -20.66
CA GLN B 106 -15.39 -2.36 -19.71
C GLN B 106 -16.47 -1.30 -19.83
N MET B 107 -17.73 -1.74 -19.77
CA MET B 107 -18.88 -0.86 -19.69
C MET B 107 -19.13 -0.55 -18.21
N PHE B 108 -19.37 0.73 -17.91
CA PHE B 108 -19.55 1.18 -16.54
C PHE B 108 -20.50 2.36 -16.46
N GLY B 109 -21.01 2.61 -15.26
CA GLY B 109 -21.95 3.69 -15.01
C GLY B 109 -21.24 4.96 -14.59
N GLU B 110 -21.70 6.08 -15.14
CA GLU B 110 -21.27 7.40 -14.74
C GLU B 110 -22.42 8.01 -13.95
N VAL B 111 -22.21 8.22 -12.66
CA VAL B 111 -23.29 8.68 -11.76
C VAL B 111 -23.26 10.20 -11.70
N THR B 112 -24.43 10.80 -11.96
CA THR B 112 -24.59 12.24 -12.10
C THR B 112 -25.22 12.92 -10.89
N GLU B 113 -25.69 12.12 -9.93
CA GLU B 113 -26.41 12.64 -8.76
C GLU B 113 -25.93 11.95 -7.51
N MET B 114 -25.33 12.72 -6.58
CA MET B 114 -24.79 12.17 -5.33
C MET B 114 -25.24 12.99 -4.12
N PRO B 115 -26.53 12.84 -3.73
CA PRO B 115 -26.98 13.57 -2.53
C PRO B 115 -26.18 13.17 -1.28
N ALA B 116 -25.96 14.13 -0.39
CA ALA B 116 -25.11 13.92 0.79
C ALA B 116 -25.49 12.67 1.58
N LEU B 117 -26.80 12.42 1.71
CA LEU B 117 -27.31 11.12 2.20
C LEU B 117 -27.60 10.27 0.94
N PRO B 118 -26.89 9.16 0.70
CA PRO B 118 -25.85 8.55 1.55
C PRO B 118 -24.42 8.74 1.06
N PHE B 119 -24.19 9.53 0.02
CA PHE B 119 -22.88 9.56 -0.64
C PHE B 119 -21.75 10.26 0.15
N MET B 120 -22.10 11.11 1.11
CA MET B 120 -21.10 11.67 2.02
C MET B 120 -20.70 10.70 3.13
N LEU B 121 -21.39 9.56 3.27
CA LEU B 121 -20.88 8.44 4.09
C LEU B 121 -19.65 7.78 3.48
N ALA B 122 -19.52 7.80 2.15
CA ALA B 122 -18.47 7.02 1.47
C ALA B 122 -17.14 7.77 1.37
N GLU B 123 -16.06 7.13 1.80
CA GLU B 123 -14.70 7.60 1.52
C GLU B 123 -14.22 7.17 0.14
N PHE B 124 -14.84 6.12 -0.37
CA PHE B 124 -14.60 5.62 -1.73
C PHE B 124 -15.39 6.43 -2.76
N ASP B 125 -14.91 6.45 -4.00
CA ASP B 125 -15.58 7.19 -5.08
C ASP B 125 -16.69 6.35 -5.74
N GLY B 126 -16.42 5.07 -5.93
CA GLY B 126 -17.33 4.17 -6.64
C GLY B 126 -17.21 2.71 -6.27
N VAL B 127 -17.77 1.85 -7.14
CA VAL B 127 -17.88 0.43 -6.86
C VAL B 127 -17.50 -0.38 -8.09
N VAL B 128 -16.72 -1.43 -7.85
CA VAL B 128 -16.46 -2.46 -8.86
C VAL B 128 -17.18 -3.71 -8.41
N GLY B 129 -18.29 -4.02 -9.06
CA GLY B 129 -19.10 -5.20 -8.72
C GLY B 129 -18.41 -6.48 -9.13
N MET B 130 -18.26 -7.41 -8.19
CA MET B 130 -17.59 -8.71 -8.43
C MET B 130 -18.57 -9.90 -8.44
N GLY B 131 -19.87 -9.59 -8.47
CA GLY B 131 -20.91 -10.60 -8.63
C GLY B 131 -21.09 -11.07 -10.07
N PHE B 132 -22.18 -11.79 -10.31
CA PHE B 132 -22.44 -12.44 -11.58
C PHE B 132 -23.28 -11.53 -12.52
N ILE B 133 -23.25 -11.83 -13.82
CA ILE B 133 -24.05 -11.12 -14.83
C ILE B 133 -25.54 -11.20 -14.54
N GLU B 134 -25.99 -12.30 -13.98
CA GLU B 134 -27.39 -12.50 -13.56
C GLU B 134 -27.97 -11.38 -12.68
N GLN B 135 -27.12 -10.72 -11.89
CA GLN B 135 -27.53 -9.61 -11.05
C GLN B 135 -27.02 -8.24 -11.54
N ALA B 136 -26.54 -8.16 -12.79
CA ALA B 136 -26.05 -6.90 -13.33
C ALA B 136 -27.24 -6.11 -13.84
N ILE B 137 -27.38 -4.86 -13.37
CA ILE B 137 -28.43 -3.96 -13.84
C ILE B 137 -28.11 -3.64 -15.30
N GLY B 138 -29.14 -3.72 -16.14
CA GLY B 138 -28.96 -3.61 -17.60
C GLY B 138 -28.28 -4.79 -18.28
N ARG B 139 -28.04 -5.88 -17.54
CA ARG B 139 -27.33 -7.06 -18.06
C ARG B 139 -25.95 -6.75 -18.65
N VAL B 140 -25.24 -5.75 -18.09
CA VAL B 140 -23.93 -5.37 -18.66
C VAL B 140 -22.90 -6.34 -18.10
N THR B 141 -22.00 -6.78 -18.97
CA THR B 141 -21.06 -7.84 -18.63
C THR B 141 -20.15 -7.35 -17.50
N PRO B 142 -20.11 -8.07 -16.37
CA PRO B 142 -19.24 -7.63 -15.26
C PRO B 142 -17.76 -7.69 -15.59
N ILE B 143 -16.98 -6.89 -14.87
CA ILE B 143 -15.57 -6.73 -15.17
C ILE B 143 -14.76 -8.03 -15.03
N PHE B 144 -15.05 -8.84 -14.01
CA PHE B 144 -14.28 -10.07 -13.84
C PHE B 144 -14.56 -11.08 -14.97
N ASP B 145 -15.78 -11.10 -15.49
CA ASP B 145 -16.13 -11.89 -16.67
C ASP B 145 -15.32 -11.48 -17.90
N ASN B 146 -15.20 -10.17 -18.13
CA ASN B 146 -14.36 -9.68 -19.23
C ASN B 146 -12.87 -9.98 -19.04
N ILE B 147 -12.39 -9.98 -17.80
CA ILE B 147 -10.99 -10.30 -17.52
C ILE B 147 -10.73 -11.80 -17.78
N ILE B 148 -11.65 -12.68 -17.38
CA ILE B 148 -11.46 -14.12 -17.69
C ILE B 148 -11.49 -14.39 -19.20
N SER B 149 -12.27 -13.63 -19.96
CA SER B 149 -12.29 -13.73 -21.43
C SER B 149 -10.95 -13.45 -22.10
N GLN B 150 -10.10 -12.64 -21.46
CA GLN B 150 -8.73 -12.41 -21.97
C GLN B 150 -7.84 -13.66 -21.92
N GLY B 151 -8.18 -14.60 -21.05
CA GLY B 151 -7.39 -15.82 -20.86
C GLY B 151 -5.97 -15.59 -20.34
N VAL B 152 -5.82 -14.61 -19.45
CA VAL B 152 -4.51 -14.31 -18.82
C VAL B 152 -4.41 -14.73 -17.35
N LEU B 153 -5.53 -14.80 -16.63
CA LEU B 153 -5.51 -15.17 -15.20
C LEU B 153 -5.07 -16.61 -15.00
N LYS B 154 -4.18 -16.83 -14.03
CA LYS B 154 -3.69 -18.17 -13.65
C LYS B 154 -4.87 -19.09 -13.26
N GLU B 155 -5.81 -18.57 -12.45
CA GLU B 155 -7.01 -19.30 -12.05
C GLU B 155 -8.23 -18.39 -12.14
N ASP B 156 -9.41 -18.97 -12.41
CA ASP B 156 -10.69 -18.25 -12.48
CA ASP B 156 -10.66 -18.19 -12.48
C ASP B 156 -11.20 -17.98 -11.06
N VAL B 157 -10.42 -17.20 -10.31
CA VAL B 157 -10.55 -17.03 -8.87
C VAL B 157 -10.15 -15.60 -8.51
N PHE B 158 -10.70 -15.07 -7.41
CA PHE B 158 -10.19 -13.85 -6.80
C PHE B 158 -10.36 -13.89 -5.30
N SER B 159 -9.45 -13.21 -4.59
CA SER B 159 -9.30 -13.35 -3.14
C SER B 159 -9.21 -12.01 -2.43
N PHE B 160 -9.67 -12.00 -1.18
CA PHE B 160 -9.77 -10.79 -0.36
C PHE B 160 -9.07 -11.01 0.97
N TYR B 161 -8.16 -10.07 1.28
CA TYR B 161 -7.63 -9.88 2.63
C TYR B 161 -8.10 -8.53 3.14
N TYR B 162 -8.79 -8.51 4.28
CA TYR B 162 -9.11 -7.28 4.97
C TYR B 162 -8.40 -7.31 6.32
N ASN B 163 -7.56 -6.32 6.58
CA ASN B 163 -6.84 -6.22 7.85
C ASN B 163 -7.69 -5.55 8.95
N ARG B 164 -7.25 -5.70 10.20
CA ARG B 164 -7.79 -5.00 11.38
C ARG B 164 -7.04 -3.70 11.62
N ASP B 165 -7.40 -3.01 12.72
CA ASP B 165 -6.60 -1.93 13.31
C ASP B 165 -6.46 -0.72 12.40
N SER B 166 -7.60 -0.32 11.83
CA SER B 166 -7.83 0.97 11.12
C SER B 166 -6.60 1.86 10.87
N SER B 169 -1.94 1.93 11.82
CA SER B 169 -0.60 2.28 12.29
C SER B 169 0.48 1.85 11.28
N GLN B 170 0.32 2.28 10.02
CA GLN B 170 1.22 1.89 8.93
C GLN B 170 1.18 0.36 8.71
N SER B 171 -0.03 -0.16 8.48
CA SER B 171 -0.27 -1.52 7.99
C SER B 171 -0.96 -1.39 6.66
N LEU B 172 -0.92 -2.44 5.84
CA LEU B 172 -1.76 -2.49 4.64
C LEU B 172 -3.19 -2.68 5.13
N GLY B 173 -4.11 -1.89 4.59
CA GLY B 173 -5.52 -2.01 4.94
C GLY B 173 -6.13 -3.33 4.48
N GLY B 174 -5.63 -3.84 3.36
CA GLY B 174 -6.15 -5.06 2.78
C GLY B 174 -5.56 -5.31 1.41
N GLN B 175 -6.09 -6.31 0.72
CA GLN B 175 -5.52 -6.73 -0.56
C GLN B 175 -6.51 -7.61 -1.33
N ILE B 176 -6.74 -7.27 -2.58
CA ILE B 176 -7.45 -8.16 -3.49
C ILE B 176 -6.45 -8.71 -4.49
N VAL B 177 -6.51 -10.03 -4.72
CA VAL B 177 -5.73 -10.69 -5.76
C VAL B 177 -6.71 -11.21 -6.81
N LEU B 178 -6.53 -10.82 -8.06
CA LEU B 178 -7.24 -11.43 -9.19
C LEU B 178 -6.37 -12.56 -9.71
N GLY B 179 -6.97 -13.75 -9.86
CA GLY B 179 -6.29 -14.88 -10.46
C GLY B 179 -5.60 -15.82 -9.48
N GLY B 180 -5.77 -15.58 -8.18
CA GLY B 180 -5.14 -16.40 -7.15
C GLY B 180 -5.39 -15.93 -5.71
N SER B 181 -4.47 -16.30 -4.83
CA SER B 181 -4.50 -15.86 -3.44
C SER B 181 -3.09 -15.54 -3.00
N ASP B 182 -2.96 -14.98 -1.80
CA ASP B 182 -1.68 -14.59 -1.23
C ASP B 182 -1.46 -15.32 0.09
N PRO B 183 -0.64 -16.40 0.09
CA PRO B 183 -0.36 -17.17 1.32
C PRO B 183 0.23 -16.36 2.48
N GLN B 184 0.83 -15.21 2.20
CA GLN B 184 1.33 -14.34 3.27
C GLN B 184 0.22 -13.86 4.20
N HIS B 185 -1.01 -13.74 3.71
CA HIS B 185 -2.12 -13.24 4.51
C HIS B 185 -3.13 -14.28 5.02
N TYR B 186 -2.80 -15.57 4.95
CA TYR B 186 -3.61 -16.58 5.63
C TYR B 186 -2.77 -17.73 6.17
N GLU B 187 -3.34 -18.48 7.11
CA GLU B 187 -2.67 -19.64 7.73
C GLU B 187 -3.36 -20.89 7.23
N GLY B 188 -2.57 -21.95 7.03
CA GLY B 188 -3.08 -23.24 6.57
C GLY B 188 -3.68 -23.18 5.18
N ASN B 189 -4.78 -23.88 4.99
CA ASN B 189 -5.35 -24.08 3.66
C ASN B 189 -6.81 -23.73 3.63
N PHE B 190 -7.31 -23.39 2.45
CA PHE B 190 -8.72 -23.07 2.29
C PHE B 190 -9.62 -24.27 2.58
N HIS B 191 -10.74 -24.01 3.24
CA HIS B 191 -11.89 -24.89 3.17
C HIS B 191 -13.00 -24.16 2.43
N TYR B 192 -13.65 -24.85 1.49
CA TYR B 192 -14.61 -24.22 0.58
C TYR B 192 -16.05 -24.62 0.87
N ILE B 193 -16.96 -23.70 0.57
CA ILE B 193 -18.39 -23.97 0.60
C ILE B 193 -18.99 -23.66 -0.76
N ASN B 194 -19.78 -24.59 -1.28
CA ASN B 194 -20.35 -24.47 -2.60
C ASN B 194 -21.54 -23.52 -2.59
N LEU B 195 -21.72 -22.79 -3.69
CA LEU B 195 -22.91 -21.97 -3.86
C LEU B 195 -24.16 -22.84 -3.94
N ILE B 196 -25.28 -22.30 -3.45
CA ILE B 196 -26.58 -22.95 -3.61
C ILE B 196 -26.92 -22.99 -5.09
N LYS B 197 -26.67 -21.88 -5.79
CA LYS B 197 -26.86 -21.81 -7.22
C LYS B 197 -25.94 -20.78 -7.85
N THR B 198 -25.77 -20.87 -9.16
CA THR B 198 -25.01 -19.86 -9.89
C THR B 198 -25.75 -18.51 -9.87
N GLY B 199 -25.00 -17.43 -10.02
CA GLY B 199 -25.60 -16.10 -10.20
C GLY B 199 -25.58 -15.20 -8.98
N VAL B 200 -25.23 -15.75 -7.82
CA VAL B 200 -25.13 -14.96 -6.58
C VAL B 200 -24.15 -15.65 -5.60
N TRP B 201 -23.29 -14.85 -4.96
CA TRP B 201 -22.29 -15.37 -4.01
C TRP B 201 -22.94 -15.68 -2.66
N GLN B 202 -23.80 -16.69 -2.67
CA GLN B 202 -24.62 -17.04 -1.52
C GLN B 202 -24.54 -18.53 -1.25
N ILE B 203 -24.31 -18.89 0.01
CA ILE B 203 -24.10 -20.27 0.43
C ILE B 203 -25.11 -20.64 1.52
N GLN B 204 -25.30 -21.94 1.71
CA GLN B 204 -26.11 -22.47 2.78
C GLN B 204 -25.36 -22.34 4.12
N MET B 205 -26.07 -21.89 5.14
CA MET B 205 -25.56 -21.89 6.50
C MET B 205 -26.42 -22.84 7.33
N LYS B 206 -25.77 -23.66 8.17
CA LYS B 206 -26.45 -24.74 8.90
C LYS B 206 -26.58 -24.47 10.40
N GLY B 207 -26.28 -23.25 10.82
CA GLY B 207 -26.51 -22.82 12.21
C GLY B 207 -25.62 -21.67 12.63
N VAL B 208 -26.16 -20.81 13.49
CA VAL B 208 -25.39 -19.75 14.14
C VAL B 208 -25.46 -20.03 15.65
N SER B 209 -24.28 -20.19 16.26
CA SER B 209 -24.17 -20.56 17.67
C SER B 209 -23.63 -19.41 18.50
N VAL B 210 -24.29 -19.15 19.62
CA VAL B 210 -23.78 -18.29 20.68
C VAL B 210 -23.21 -19.23 21.74
N GLY B 211 -21.90 -19.16 21.97
CA GLY B 211 -21.23 -20.12 22.84
C GLY B 211 -21.19 -21.51 22.22
N SER B 212 -21.52 -22.53 23.02
CA SER B 212 -21.66 -23.92 22.52
C SER B 212 -23.14 -24.30 22.26
N SER B 213 -24.00 -23.30 22.08
CA SER B 213 -25.45 -23.48 21.99
C SER B 213 -25.96 -22.85 20.69
N THR B 214 -26.65 -23.65 19.87
CA THR B 214 -27.11 -23.21 18.55
C THR B 214 -28.46 -22.50 18.61
N LEU B 215 -28.41 -21.20 18.94
CA LEU B 215 -29.59 -20.35 19.04
C LEU B 215 -30.34 -20.24 17.72
N LEU B 216 -29.61 -19.99 16.63
CA LEU B 216 -30.21 -19.48 15.40
C LEU B 216 -29.93 -20.34 14.18
N CYS B 217 -30.74 -20.12 13.14
CA CYS B 217 -30.59 -20.79 11.86
C CYS B 217 -30.58 -22.32 12.03
N GLU B 218 -31.38 -22.81 12.98
CA GLU B 218 -31.37 -24.22 13.39
C GLU B 218 -31.78 -25.16 12.27
N ASP B 219 -32.73 -24.71 11.44
CA ASP B 219 -33.23 -25.47 10.30
C ASP B 219 -32.64 -25.01 8.96
N GLY B 220 -31.47 -24.36 8.99
CA GLY B 220 -30.80 -23.87 7.78
C GLY B 220 -31.23 -22.47 7.40
N CYS B 221 -30.33 -21.74 6.75
CA CYS B 221 -30.60 -20.38 6.28
C CYS B 221 -29.57 -19.97 5.22
N LEU B 222 -29.75 -18.78 4.66
CA LEU B 222 -28.90 -18.27 3.60
C LEU B 222 -27.85 -17.31 4.16
N ALA B 223 -26.67 -17.32 3.54
CA ALA B 223 -25.59 -16.39 3.85
C ALA B 223 -24.96 -15.91 2.54
N LEU B 224 -25.10 -14.60 2.31
CA LEU B 224 -24.44 -13.90 1.22
C LEU B 224 -23.06 -13.51 1.72
N VAL B 225 -22.01 -13.77 0.94
CA VAL B 225 -20.66 -13.34 1.33
C VAL B 225 -20.39 -12.08 0.53
N ASP B 226 -20.42 -10.94 1.22
CA ASP B 226 -20.48 -9.63 0.60
C ASP B 226 -19.27 -8.81 1.02
N THR B 227 -18.26 -8.78 0.14
CA THR B 227 -17.06 -8.00 0.37
C THR B 227 -17.31 -6.49 0.46
N GLY B 228 -18.42 -6.02 -0.09
CA GLY B 228 -18.78 -4.60 -0.06
C GLY B 228 -19.57 -4.11 1.15
N ALA B 229 -19.86 -5.01 2.10
CA ALA B 229 -20.60 -4.70 3.31
C ALA B 229 -19.67 -4.62 4.51
N SER B 230 -19.98 -3.72 5.45
CA SER B 230 -19.12 -3.52 6.63
C SER B 230 -19.23 -4.63 7.65
N TYR B 231 -20.43 -5.18 7.83
CA TYR B 231 -20.74 -5.95 9.02
C TYR B 231 -21.19 -7.36 8.68
N ILE B 232 -21.27 -8.20 9.70
CA ILE B 232 -22.09 -9.39 9.61
C ILE B 232 -23.51 -8.89 9.85
N SER B 233 -24.42 -9.20 8.93
CA SER B 233 -25.82 -8.86 9.11
C SER B 233 -26.72 -10.08 9.15
N GLY B 234 -27.82 -9.95 9.89
CA GLY B 234 -28.92 -10.89 9.89
C GLY B 234 -30.20 -10.09 9.75
N SER B 235 -31.33 -10.78 9.61
CA SER B 235 -32.64 -10.13 9.65
C SER B 235 -32.84 -9.49 11.04
N THR B 236 -33.69 -8.47 11.07
CA THR B 236 -34.08 -7.79 12.32
C THR B 236 -34.33 -8.77 13.46
N SER B 237 -35.17 -9.77 13.21
CA SER B 237 -35.54 -10.75 14.24
C SER B 237 -34.38 -11.67 14.64
N SER B 238 -33.61 -12.17 13.67
CA SER B 238 -32.39 -12.94 13.97
C SER B 238 -31.44 -12.14 14.88
N ILE B 239 -31.18 -10.90 14.50
CA ILE B 239 -30.28 -10.02 15.25
C ILE B 239 -30.87 -9.65 16.62
N GLU B 240 -32.19 -9.47 16.71
CA GLU B 240 -32.86 -9.27 18.01
C GLU B 240 -32.57 -10.44 18.95
N LYS B 241 -32.70 -11.66 18.44
CA LYS B 241 -32.45 -12.86 19.25
C LYS B 241 -30.98 -12.99 19.61
N LEU B 242 -30.10 -12.76 18.63
CA LEU B 242 -28.65 -12.77 18.83
C LEU B 242 -28.22 -11.81 19.94
N MET B 243 -28.70 -10.58 19.87
CA MET B 243 -28.28 -9.53 20.79
C MET B 243 -28.79 -9.75 22.20
N GLU B 244 -30.00 -10.31 22.31
CA GLU B 244 -30.56 -10.71 23.61
C GLU B 244 -29.75 -11.82 24.25
N ALA B 245 -29.23 -12.76 23.46
CA ALA B 245 -28.35 -13.81 24.01
C ALA B 245 -27.02 -13.24 24.55
N LEU B 246 -26.49 -12.21 23.87
CA LEU B 246 -25.27 -11.50 24.30
C LEU B 246 -25.45 -10.53 25.47
N GLY B 247 -26.69 -10.13 25.76
CA GLY B 247 -26.96 -9.06 26.70
C GLY B 247 -26.65 -7.67 26.15
N ALA B 248 -26.59 -7.54 24.82
CA ALA B 248 -26.40 -6.25 24.16
C ALA B 248 -27.76 -5.56 24.02
N LYS B 249 -27.76 -4.24 24.17
CA LYS B 249 -29.00 -3.44 24.11
C LYS B 249 -28.89 -2.44 22.97
N LYS B 250 -30.02 -2.13 22.34
CA LYS B 250 -30.03 -1.16 21.24
C LYS B 250 -29.99 0.21 21.87
N ARG B 251 -28.99 1.02 21.49
CA ARG B 251 -28.71 2.30 22.16
C ARG B 251 -29.78 3.31 21.76
N LEU B 252 -29.59 3.86 20.56
CA LEU B 252 -30.54 4.72 19.88
C LEU B 252 -30.59 4.25 18.42
N PHE B 253 -29.41 4.07 17.82
CA PHE B 253 -29.25 3.54 16.46
C PHE B 253 -28.72 2.10 16.36
N ASP B 254 -27.74 1.74 17.20
CA ASP B 254 -27.00 0.46 17.08
C ASP B 254 -27.03 -0.35 18.37
N TYR B 255 -26.54 -1.58 18.31
CA TYR B 255 -26.38 -2.42 19.51
C TYR B 255 -25.06 -2.19 20.24
N VAL B 256 -25.14 -2.06 21.56
CA VAL B 256 -23.97 -1.79 22.41
C VAL B 256 -23.89 -2.71 23.64
N VAL B 257 -22.66 -2.88 24.13
CA VAL B 257 -22.41 -3.41 25.48
C VAL B 257 -21.49 -2.46 26.23
N LYS B 258 -21.41 -2.59 27.54
CA LYS B 258 -20.36 -1.92 28.29
C LYS B 258 -19.02 -2.46 27.79
N CYS B 259 -18.08 -1.57 27.55
CA CYS B 259 -16.81 -1.94 26.93
C CYS B 259 -16.08 -3.02 27.74
N ASN B 260 -16.14 -2.92 29.08
CA ASN B 260 -15.52 -3.91 29.97
C ASN B 260 -16.14 -5.30 29.91
N GLU B 261 -17.41 -5.39 29.50
CA GLU B 261 -18.10 -6.67 29.41
C GLU B 261 -17.88 -7.38 28.08
N GLY B 262 -17.29 -6.68 27.10
CA GLY B 262 -16.94 -7.28 25.83
C GLY B 262 -16.13 -8.56 25.92
N PRO B 263 -15.05 -8.58 26.73
CA PRO B 263 -14.29 -9.82 27.00
C PRO B 263 -15.06 -10.97 27.64
N THR B 264 -16.22 -10.70 28.23
CA THR B 264 -17.06 -11.77 28.79
C THR B 264 -18.00 -12.39 27.76
N LEU B 265 -18.16 -11.75 26.60
CA LEU B 265 -19.13 -12.19 25.61
C LEU B 265 -18.68 -13.48 24.92
N PRO B 266 -19.63 -14.38 24.65
CA PRO B 266 -19.30 -15.67 24.07
C PRO B 266 -18.90 -15.60 22.60
N ASP B 267 -18.19 -16.63 22.15
CA ASP B 267 -17.86 -16.84 20.74
C ASP B 267 -19.13 -16.95 19.92
N ILE B 268 -19.07 -16.50 18.67
CA ILE B 268 -20.18 -16.67 17.73
C ILE B 268 -19.65 -17.50 16.56
N SER B 269 -20.32 -18.61 16.29
CA SER B 269 -19.87 -19.56 15.29
C SER B 269 -20.88 -19.66 14.16
N PHE B 270 -20.38 -19.60 12.93
CA PHE B 270 -21.22 -19.73 11.74
C PHE B 270 -20.89 -21.08 11.13
N HIS B 271 -21.89 -21.94 11.05
CA HIS B 271 -21.73 -23.31 10.58
C HIS B 271 -21.88 -23.35 9.06
N LEU B 272 -20.77 -23.54 8.37
CA LEU B 272 -20.72 -23.45 6.92
C LEU B 272 -19.95 -24.64 6.37
N GLY B 273 -20.64 -25.50 5.64
CA GLY B 273 -20.03 -26.62 4.92
C GLY B 273 -19.35 -27.66 5.78
N GLY B 274 -19.92 -27.97 6.93
CA GLY B 274 -19.33 -28.96 7.84
C GLY B 274 -18.18 -28.45 8.70
N LYS B 275 -17.99 -27.14 8.80
CA LYS B 275 -17.04 -26.57 9.75
C LYS B 275 -17.67 -25.40 10.50
N GLU B 276 -17.12 -25.11 11.67
CA GLU B 276 -17.54 -23.98 12.48
C GLU B 276 -16.56 -22.82 12.28
N TYR B 277 -17.08 -21.68 11.82
CA TYR B 277 -16.31 -20.46 11.63
C TYR B 277 -16.59 -19.54 12.81
N THR B 278 -15.63 -19.48 13.72
CA THR B 278 -15.80 -18.90 15.05
C THR B 278 -15.17 -17.51 15.18
N LEU B 279 -15.99 -16.52 15.57
CA LEU B 279 -15.51 -15.19 15.95
C LEU B 279 -15.58 -15.06 17.48
N THR B 280 -14.46 -14.67 18.09
CA THR B 280 -14.45 -14.32 19.50
C THR B 280 -14.95 -12.89 19.64
N SER B 281 -15.24 -12.49 20.87
CA SER B 281 -15.74 -11.16 21.16
C SER B 281 -14.80 -10.07 20.61
N ALA B 282 -13.49 -10.29 20.69
CA ALA B 282 -12.51 -9.40 20.09
C ALA B 282 -12.69 -9.24 18.56
N ASP B 283 -13.21 -10.25 17.89
CA ASP B 283 -13.47 -10.16 16.43
C ASP B 283 -14.76 -9.42 16.06
N TYR B 284 -15.73 -9.32 16.97
CA TYR B 284 -17.01 -8.69 16.66
C TYR B 284 -17.44 -7.49 17.52
N VAL B 285 -16.71 -7.22 18.61
CA VAL B 285 -16.89 -5.98 19.38
C VAL B 285 -15.81 -4.99 18.98
N PHE B 286 -16.19 -3.77 18.63
CA PHE B 286 -15.24 -2.68 18.48
C PHE B 286 -14.80 -2.22 19.87
N GLN B 287 -13.71 -2.82 20.36
CA GLN B 287 -13.17 -2.51 21.68
C GLN B 287 -12.29 -1.27 21.63
N GLU B 288 -12.91 -0.10 21.67
CA GLU B 288 -12.16 1.15 21.78
C GLU B 288 -11.43 1.20 23.15
N SER B 289 -12.01 0.54 24.17
CA SER B 289 -11.29 0.18 25.41
C SER B 289 -11.96 -1.03 26.07
N TYR B 290 -11.47 -1.42 27.26
CA TYR B 290 -12.23 -2.27 28.16
C TYR B 290 -12.81 -1.45 29.32
N SER B 291 -13.20 -0.20 29.08
CA SER B 291 -13.68 0.69 30.17
C SER B 291 -15.10 0.34 30.63
N SER B 292 -15.29 0.28 31.94
CA SER B 292 -16.64 0.13 32.55
C SER B 292 -17.48 1.40 32.50
N LYS B 293 -16.87 2.52 32.07
CA LYS B 293 -17.51 3.82 31.99
C LYS B 293 -17.96 4.16 30.56
N LYS B 294 -17.58 3.33 29.58
CA LYS B 294 -17.91 3.58 28.16
C LYS B 294 -18.70 2.43 27.53
N LEU B 295 -19.45 2.76 26.48
CA LEU B 295 -20.20 1.79 25.69
C LEU B 295 -19.44 1.47 24.40
N CYS B 296 -19.44 0.21 24.02
CA CYS B 296 -18.79 -0.26 22.82
C CYS B 296 -19.85 -0.83 21.87
N THR B 297 -19.72 -0.55 20.57
CA THR B 297 -20.65 -1.06 19.56
C THR B 297 -20.15 -2.39 19.02
N LEU B 298 -21.07 -3.18 18.49
CA LEU B 298 -20.74 -4.46 17.87
C LEU B 298 -20.72 -4.31 16.36
N ALA B 299 -19.89 -5.12 15.71
CA ALA B 299 -19.75 -5.13 14.26
C ALA B 299 -20.76 -6.09 13.58
N ILE B 300 -21.96 -6.16 14.15
CA ILE B 300 -23.05 -7.01 13.69
C ILE B 300 -24.31 -6.14 13.72
N HIS B 301 -24.96 -5.99 12.56
CA HIS B 301 -26.13 -5.12 12.38
C HIS B 301 -27.31 -5.93 11.84
N ALA B 302 -28.52 -5.40 12.04
CA ALA B 302 -29.71 -5.90 11.35
C ALA B 302 -29.76 -5.36 9.93
N MET B 303 -30.14 -6.21 8.98
CA MET B 303 -30.46 -5.76 7.63
C MET B 303 -31.43 -6.75 6.98
N ASP B 304 -32.65 -6.30 6.75
CA ASP B 304 -33.63 -7.13 6.09
C ASP B 304 -33.44 -6.96 4.60
N ILE B 305 -32.77 -7.93 3.98
CA ILE B 305 -32.49 -7.91 2.54
C ILE B 305 -33.74 -8.44 1.82
N PRO B 306 -34.22 -7.69 0.80
CA PRO B 306 -35.47 -8.10 0.12
C PRO B 306 -35.27 -9.23 -0.89
N PRO B 307 -36.34 -10.03 -1.17
CA PRO B 307 -36.33 -10.97 -2.29
C PRO B 307 -35.81 -10.38 -3.63
N PRO B 308 -35.24 -11.21 -4.51
CA PRO B 308 -35.13 -12.68 -4.35
C PRO B 308 -33.92 -13.16 -3.50
N THR B 309 -32.90 -12.32 -3.34
CA THR B 309 -31.67 -12.68 -2.64
C THR B 309 -31.87 -12.96 -1.13
N GLY B 310 -32.67 -12.11 -0.47
CA GLY B 310 -33.05 -12.33 0.93
C GLY B 310 -34.46 -12.86 1.06
N PRO B 311 -34.93 -13.15 2.30
CA PRO B 311 -34.19 -12.93 3.54
C PRO B 311 -32.92 -13.78 3.69
N THR B 312 -31.85 -13.16 4.19
CA THR B 312 -30.54 -13.79 4.24
C THR B 312 -29.63 -13.10 5.24
N TRP B 313 -28.73 -13.87 5.84
CA TRP B 313 -27.58 -13.29 6.53
C TRP B 313 -26.62 -12.76 5.47
N ALA B 314 -25.69 -11.91 5.88
CA ALA B 314 -24.63 -11.44 5.00
C ALA B 314 -23.32 -11.43 5.78
N LEU B 315 -22.30 -12.09 5.24
CA LEU B 315 -20.97 -12.12 5.85
C LEU B 315 -20.09 -11.07 5.18
N GLY B 316 -19.98 -9.91 5.84
CA GLY B 316 -19.19 -8.78 5.33
C GLY B 316 -17.82 -8.69 5.94
N ALA B 317 -17.28 -7.49 5.98
CA ALA B 317 -15.90 -7.23 6.41
C ALA B 317 -15.55 -7.81 7.79
N THR B 318 -16.50 -7.77 8.72
CA THR B 318 -16.29 -8.38 10.05
C THR B 318 -15.89 -9.85 9.94
N PHE B 319 -16.58 -10.59 9.08
CA PHE B 319 -16.24 -11.99 8.84
C PHE B 319 -14.94 -12.13 8.08
N ILE B 320 -14.77 -11.32 7.06
CA ILE B 320 -13.59 -11.40 6.18
C ILE B 320 -12.28 -11.06 6.90
N ARG B 321 -12.33 -10.12 7.85
CA ARG B 321 -11.16 -9.82 8.70
C ARG B 321 -10.63 -11.05 9.42
N LYS B 322 -11.55 -11.89 9.88
CA LYS B 322 -11.20 -13.14 10.53
C LYS B 322 -10.75 -14.19 9.51
N PHE B 323 -11.51 -14.30 8.42
CA PHE B 323 -11.27 -15.33 7.42
C PHE B 323 -11.00 -14.75 6.03
N TYR B 324 -9.73 -14.77 5.63
CA TYR B 324 -9.30 -14.55 4.24
C TYR B 324 -10.22 -15.40 3.33
N THR B 325 -10.74 -14.79 2.26
CA THR B 325 -11.81 -15.36 1.46
C THR B 325 -11.39 -15.45 -0.01
N GLU B 326 -11.61 -16.61 -0.62
CA GLU B 326 -11.37 -16.81 -2.05
C GLU B 326 -12.69 -17.09 -2.74
N PHE B 327 -12.97 -16.32 -3.79
CA PHE B 327 -14.15 -16.50 -4.61
C PHE B 327 -13.75 -17.25 -5.89
N ASP B 328 -14.34 -18.43 -6.09
CA ASP B 328 -13.95 -19.36 -7.10
C ASP B 328 -15.09 -19.51 -8.12
N ARG B 329 -14.90 -18.89 -9.28
CA ARG B 329 -15.90 -18.89 -10.36
C ARG B 329 -15.82 -20.13 -11.22
N ARG B 330 -14.68 -20.83 -11.21
CA ARG B 330 -14.55 -22.10 -11.92
C ARG B 330 -15.46 -23.17 -11.30
N ASN B 331 -15.51 -23.18 -9.97
CA ASN B 331 -16.24 -24.19 -9.20
C ASN B 331 -17.50 -23.68 -8.51
N ASN B 332 -17.80 -22.38 -8.60
CA ASN B 332 -18.94 -21.77 -7.87
C ASN B 332 -18.94 -22.12 -6.39
N ARG B 333 -17.90 -21.64 -5.72
CA ARG B 333 -17.71 -21.90 -4.31
C ARG B 333 -16.89 -20.78 -3.71
N ILE B 334 -16.88 -20.75 -2.39
CA ILE B 334 -16.21 -19.71 -1.62
C ILE B 334 -15.30 -20.41 -0.61
N GLY B 335 -14.02 -20.05 -0.61
CA GLY B 335 -13.03 -20.60 0.31
C GLY B 335 -12.70 -19.66 1.45
N PHE B 336 -12.46 -20.23 2.63
CA PHE B 336 -12.06 -19.45 3.78
C PHE B 336 -10.82 -20.07 4.40
N ALA B 337 -9.97 -19.21 4.93
CA ALA B 337 -8.84 -19.63 5.76
C ALA B 337 -8.58 -18.51 6.76
N LEU B 338 -7.94 -18.86 7.86
CA LEU B 338 -7.70 -17.93 8.97
C LEU B 338 -6.74 -16.83 8.47
N ALA B 339 -7.18 -15.57 8.52
CA ALA B 339 -6.37 -14.42 8.10
C ALA B 339 -5.21 -14.14 9.05
N ARG B 340 -4.19 -13.50 8.52
CA ARG B 340 -3.06 -12.98 9.31
C ARG B 340 -2.42 -11.78 8.61
C1 NAG C . 45.07 7.24 -0.26
C2 NAG C . 46.50 6.73 -0.29
C3 NAG C . 47.19 7.43 -1.47
C4 NAG C . 46.42 7.09 -2.77
C5 NAG C . 44.95 7.51 -2.62
C6 NAG C . 44.07 7.23 -3.83
C7 NAG C . 47.45 6.15 1.92
C8 NAG C . 48.14 6.74 3.13
N2 NAG C . 47.16 7.04 0.97
O3 NAG C . 48.56 7.01 -1.52
O4 NAG C . 47.04 7.77 -3.87
O5 NAG C . 44.41 6.84 -1.47
O6 NAG C . 43.80 5.84 -3.96
O7 NAG C . 47.20 4.95 1.85
N3 74V D . 19.52 10.62 4.46
C4 74V D . 19.59 11.13 3.05
C5 74V D . 20.72 12.14 2.82
C6 74V D . 20.74 12.71 1.39
C7 74V D . 20.79 11.56 0.37
C10 74V D . 18.32 10.81 5.10
C13 74V D . 18.41 11.30 7.54
C15 74V D . 17.45 9.90 9.11
C20 74V D . 15.84 7.34 6.26
C21 74V D . 15.57 6.44 5.09
C22 74V D . 16.23 5.32 4.78
C24 74V D . 14.63 5.64 3.29
C1 74V D . 20.60 8.45 5.07
C2 74V D . 20.68 9.99 5.12
N8 74V D . 19.69 10.59 0.62
C9 74V D . 19.64 10.02 1.99
O11 74V D . 17.41 11.35 4.48
C12 74V D . 18.01 10.44 6.50
N14 74V D . 18.12 11.00 8.81
C16 74V D . 17.16 9.62 10.56
N17 74V D . 17.03 9.06 8.18
C18 74V D . 17.28 9.27 6.86
N19 74V D . 16.83 8.37 5.91
C23 74V D . 15.64 4.81 3.61
O25 74V D . 14.59 6.62 4.19
C1 PGE E . 25.58 9.47 -16.77
O1 PGE E . 25.89 9.06 -15.43
C2 PGE E . 24.12 9.91 -16.85
O2 PGE E . 24.02 11.18 -17.51
C3 PGE E . 22.94 11.27 -18.46
C4 PGE E . 22.66 12.72 -18.83
O4 PGE E . 25.25 16.16 -17.98
C6 PGE E . 24.93 15.65 -19.27
C5 PGE E . 23.62 14.88 -19.23
O3 PGE E . 23.84 13.54 -18.77
S DMS F . 1.84 6.83 4.15
O DMS F . 2.97 6.40 3.30
C1 DMS F . 1.16 5.46 4.91
C2 DMS F . 2.45 7.64 5.52
S DMS G . 17.09 21.69 4.48
O DMS G . 16.42 21.97 3.19
C1 DMS G . 16.68 20.12 5.02
C2 DMS G . 18.77 21.56 4.19
C1 NAG H . -25.43 0.84 -25.33
C2 NAG H . -25.86 0.58 -26.76
C3 NAG H . -27.02 -0.44 -26.76
C4 NAG H . -26.63 -1.71 -26.00
C5 NAG H . -26.04 -1.39 -24.62
C6 NAG H . -25.42 -2.62 -23.96
C7 NAG H . -25.44 2.57 -28.16
C8 NAG H . -26.05 3.84 -28.70
N2 NAG H . -26.26 1.82 -27.40
O3 NAG H . -27.36 -0.77 -28.11
O4 NAG H . -27.78 -2.53 -25.81
O5 NAG H . -25.02 -0.39 -24.75
O6 NAG H . -26.38 -3.27 -23.11
O7 NAG H . -24.29 2.28 -28.42
N3 74V I . -22.80 -1.41 0.06
C4 74V I . -23.34 -2.76 -0.22
C5 74V I . -24.72 -2.68 -0.89
C6 74V I . -25.29 -4.07 -1.23
C7 74V I . -24.27 -4.85 -2.07
C10 74V I . -22.62 -1.09 1.39
C13 74V I . -23.03 1.31 1.86
C15 74V I . -21.34 2.68 2.65
C20 74V I . -18.49 -0.22 2.74
C21 74V I . -17.59 -1.41 2.62
C22 74V I . -16.61 -1.56 1.73
C24 74V I . -16.70 -3.37 2.99
C1 74V I . -21.01 -0.31 -1.32
C2 74V I . -22.51 -0.45 -1.04
N8 74V I . -22.98 -4.94 -1.35
C9 74V I . -22.37 -3.64 -1.03
O11 74V I . -22.86 -1.90 2.25
C12 74V I . -22.13 0.24 1.83
N14 74V I . -22.59 2.50 2.26
C16 74V I . -20.87 4.03 3.11
N17 74V I . -20.46 1.70 2.66
C18 74V I . -20.79 0.46 2.27
N19 74V I . -19.84 -0.53 2.29
C23 74V I . -16.03 -2.82 1.96
O25 74V I . -17.64 -2.51 3.38
OH2 1PE J . -25.92 -25.99 -8.10
C12 1PE J . -24.85 -25.08 -7.80
C22 1PE J . -23.65 -25.86 -7.32
OH3 1PE J . -22.44 -25.22 -7.76
C13 1PE J . -20.82 -26.49 -9.00
C23 1PE J . -21.29 -26.04 -7.62
OH4 1PE J . -20.32 -25.36 -9.73
C14 1PE J . -19.65 -24.30 -11.80
C24 1PE J . -20.16 -25.59 -11.13
OH5 1PE J . -20.35 -24.09 -13.03
C15 1PE J . -21.87 -22.52 -14.01
C25 1PE J . -20.43 -22.76 -13.53
OH6 1PE J . -22.25 -23.51 -14.97
C16 1PE J . -24.00 -24.20 -16.58
C26 1PE J . -23.66 -23.50 -15.25
OH7 1PE J . -22.82 -24.64 -17.27
#